data_3CPI
#
_entry.id   3CPI
#
_cell.length_a   56.460
_cell.length_b   159.780
_cell.length_c   77.093
_cell.angle_alpha   90.00
_cell.angle_beta   90.25
_cell.angle_gamma   90.00
#
_symmetry.space_group_name_H-M   'P 1 21 1'
#
loop_
_entity.id
_entity.type
_entity.pdbx_description
1 polymer 'Rab GDP-dissociation inhibitor'
2 water water
#
_entity_poly.entity_id   1
_entity_poly.type   'polypeptide(L)'
_entity_poly.pdbx_seq_one_letter_code
;MDQETIDTDYDVIVLGTGITECILSGLLSVDGKKVLHIDKQDHYGGEAASVTLSQLYEKFKQNPISKEERESKFGKDRDW
NVDLIPKFLMANGELTNILIHTDVTRYVDFKQVSGSYVFKQGKIYKVPANEIEAISSPLMGIFEKRRMKKFLEWISSYKE
DDLSTHQGLDLDKNTMDEVYYKFGLGNSTKEFIGHAMALWTNDDYLQQPARPSFERILLYCQSVARYGKSPYLYPMYGLG
ELPQGFARLSAIYGGTYMLDTPIDEVLYKKDTGKFEGVKTKLGTFKAPLVIADPTYFPEKCKSTGQRVIRAICILNHPVP
NTSNADSLQIIIPQSQLGRKSDIYVAIVSDAHNVCSKGHYLAIISTIIETDKPHIELEPAFKLLGPIEEKFMGIAELFEP
REDGSKDNIYLSRSYDASSHFESMTDDVKDIYFRVTGHPLVLKQRQEQEKQ
;
_entity_poly.pdbx_strand_id   G,H
#
# COMPACT_ATOMS: atom_id res chain seq x y z
N ASP A 7 3.61 26.94 2.61
CA ASP A 7 5.02 27.11 3.10
C ASP A 7 5.93 27.54 1.95
N THR A 8 6.90 28.38 2.26
CA THR A 8 7.84 28.88 1.26
C THR A 8 9.27 28.45 1.60
N ASP A 9 9.52 28.22 2.88
CA ASP A 9 10.85 27.81 3.34
C ASP A 9 10.85 26.38 3.86
N TYR A 10 11.84 25.61 3.41
CA TYR A 10 11.98 24.18 3.74
C TYR A 10 13.40 23.88 4.21
N ASP A 11 13.60 22.66 4.72
CA ASP A 11 14.95 22.19 5.06
C ASP A 11 15.70 21.71 3.82
N VAL A 12 15.00 21.01 2.94
CA VAL A 12 15.59 20.42 1.74
C VAL A 12 14.63 20.54 0.57
N ILE A 13 15.15 20.92 -0.58
CA ILE A 13 14.42 20.81 -1.85
C ILE A 13 15.02 19.64 -2.66
N VAL A 14 14.16 18.77 -3.16
CA VAL A 14 14.61 17.70 -4.04
C VAL A 14 13.99 17.85 -5.43
N LEU A 15 14.81 17.63 -6.46
CA LEU A 15 14.34 17.76 -7.84
C LEU A 15 14.43 16.43 -8.57
N GLY A 16 13.29 15.98 -9.11
CA GLY A 16 13.19 14.70 -9.79
C GLY A 16 12.66 13.60 -8.90
N THR A 17 11.87 12.70 -9.48
CA THR A 17 11.31 11.57 -8.73
C THR A 17 11.81 10.23 -9.27
N GLY A 18 13.04 10.23 -9.79
CA GLY A 18 13.76 9.00 -10.02
C GLY A 18 13.99 8.34 -8.67
N ILE A 19 14.28 7.04 -8.68
CA ILE A 19 14.33 6.24 -7.45
C ILE A 19 15.32 6.77 -6.41
N THR A 20 16.51 7.19 -6.85
CA THR A 20 17.55 7.68 -5.94
C THR A 20 17.07 8.91 -5.14
N GLU A 21 16.46 9.86 -5.84
CA GLU A 21 15.91 11.05 -5.19
C GLU A 21 14.80 10.70 -4.19
N CYS A 22 13.88 9.83 -4.62
CA CYS A 22 12.76 9.40 -3.76
C CYS A 22 13.20 8.76 -2.45
N ILE A 23 14.22 7.91 -2.51
CA ILE A 23 14.78 7.27 -1.31
C ILE A 23 15.38 8.31 -0.36
N LEU A 24 16.15 9.25 -0.91
CA LEU A 24 16.80 10.27 -0.08
C LEU A 24 15.80 11.21 0.59
N SER A 25 14.80 11.67 -0.16
CA SER A 25 13.79 12.56 0.41
C SER A 25 12.94 11.81 1.42
N GLY A 26 12.67 10.53 1.11
CA GLY A 26 12.07 9.61 2.07
C GLY A 26 12.88 9.46 3.34
N LEU A 27 14.20 9.33 3.20
CA LEU A 27 15.10 9.21 4.36
C LEU A 27 15.11 10.48 5.20
N LEU A 28 15.06 11.63 4.55
CA LEU A 28 15.16 12.92 5.22
C LEU A 28 13.85 13.28 5.92
N SER A 29 12.73 12.92 5.30
CA SER A 29 11.42 13.11 5.90
C SER A 29 11.24 12.28 7.17
N VAL A 30 11.66 11.01 7.15
CA VAL A 30 11.51 10.17 8.35
C VAL A 30 12.50 10.59 9.43
N ASP A 31 13.47 11.40 9.03
CA ASP A 31 14.47 11.92 9.95
C ASP A 31 13.99 13.21 10.61
N GLY A 32 12.79 13.64 10.26
CA GLY A 32 12.17 14.82 10.85
C GLY A 32 12.41 16.11 10.07
N LYS A 33 13.09 15.99 8.94
CA LYS A 33 13.36 17.16 8.11
C LYS A 33 12.13 17.47 7.27
N LYS A 34 12.00 18.74 6.89
CA LYS A 34 10.87 19.20 6.08
C LYS A 34 11.31 19.29 4.62
N VAL A 35 10.71 18.47 3.77
CA VAL A 35 11.17 18.29 2.40
C VAL A 35 10.16 18.76 1.35
N LEU A 36 10.57 19.73 0.53
CA LEU A 36 9.83 20.04 -0.70
C LEU A 36 10.44 19.25 -1.86
N HIS A 37 9.62 18.40 -2.46
CA HIS A 37 10.07 17.51 -3.52
C HIS A 37 9.30 17.90 -4.77
N ILE A 38 10.02 18.29 -5.82
CA ILE A 38 9.41 18.77 -7.05
C ILE A 38 9.87 17.92 -8.23
N ASP A 39 9.02 17.84 -9.26
CA ASP A 39 9.35 17.18 -10.52
C ASP A 39 8.74 17.98 -11.69
N LYS A 40 9.56 18.28 -12.69
CA LYS A 40 9.13 19.00 -13.90
C LYS A 40 8.23 18.17 -14.81
N GLN A 41 8.23 16.85 -14.59
CA GLN A 41 7.52 15.93 -15.45
C GLN A 41 6.14 15.64 -14.87
N ASP A 42 5.19 15.33 -15.74
CA ASP A 42 3.81 15.07 -15.30
C ASP A 42 3.57 13.64 -14.79
N HIS A 43 4.67 12.91 -14.56
CA HIS A 43 4.63 11.54 -14.08
C HIS A 43 5.85 11.27 -13.20
N TYR A 44 5.76 10.24 -12.37
CA TYR A 44 6.87 9.82 -11.51
C TYR A 44 7.97 9.09 -12.29
N GLY A 45 9.16 9.03 -11.71
CA GLY A 45 10.20 8.12 -12.20
C GLY A 45 11.46 8.72 -12.77
N GLY A 46 11.44 10.03 -13.04
CA GLY A 46 12.59 10.75 -13.56
C GLY A 46 13.08 10.22 -14.89
N GLU A 47 14.35 9.85 -14.95
CA GLU A 47 14.93 9.27 -16.16
C GLU A 47 14.68 7.76 -16.22
N ALA A 48 14.01 7.23 -15.20
CA ALA A 48 13.71 5.80 -15.12
C ALA A 48 12.23 5.56 -14.80
N ALA A 49 11.36 6.13 -15.62
CA ALA A 49 9.91 6.00 -15.44
C ALA A 49 9.42 4.58 -15.71
N SER A 50 8.19 4.31 -15.28
CA SER A 50 7.48 3.11 -15.69
C SER A 50 6.36 3.53 -16.63
N VAL A 51 6.20 2.79 -17.72
CA VAL A 51 5.28 3.16 -18.79
C VAL A 51 4.30 2.05 -19.15
N THR A 52 3.16 2.44 -19.73
CA THR A 52 2.20 1.50 -20.30
C THR A 52 2.75 1.01 -21.62
N LEU A 53 2.18 -0.06 -22.16
CA LEU A 53 2.63 -0.59 -23.44
C LEU A 53 2.45 0.39 -24.58
N SER A 54 1.32 1.13 -24.59
CA SER A 54 1.09 2.13 -25.63
C SER A 54 2.14 3.23 -25.56
N GLN A 55 2.41 3.73 -24.35
CA GLN A 55 3.48 4.69 -24.12
C GLN A 55 4.83 4.15 -24.57
N LEU A 56 5.05 2.85 -24.34
CA LEU A 56 6.30 2.21 -24.73
C LEU A 56 6.54 2.29 -26.23
N TYR A 57 5.48 2.06 -27.01
CA TYR A 57 5.53 2.20 -28.47
C TYR A 57 5.82 3.63 -28.94
N GLU A 58 5.15 4.62 -28.34
CA GLU A 58 5.35 6.02 -28.71
C GLU A 58 6.81 6.45 -28.50
N LYS A 59 7.42 5.96 -27.43
CA LYS A 59 8.79 6.33 -27.08
C LYS A 59 9.84 5.71 -28.00
N PHE A 60 9.67 4.44 -28.37
CA PHE A 60 10.73 3.72 -29.08
C PHE A 60 10.51 3.46 -30.57
N LYS A 61 9.27 3.58 -31.02
CA LYS A 61 8.90 3.15 -32.38
C LYS A 61 8.49 4.30 -33.28
N GLN A 62 9.16 4.41 -34.43
CA GLN A 62 8.86 5.44 -35.44
C GLN A 62 7.36 5.47 -35.75
N ASN A 63 6.85 4.34 -36.22
CA ASN A 63 5.42 4.18 -36.48
C ASN A 63 4.79 3.12 -35.57
N PRO A 64 4.21 3.57 -34.45
CA PRO A 64 3.56 2.67 -33.49
C PRO A 64 2.27 2.04 -34.03
N ILE A 65 2.11 0.75 -33.76
CA ILE A 65 0.94 -0.01 -34.19
C ILE A 65 -0.37 0.47 -33.56
N SER A 66 -1.48 0.12 -34.20
CA SER A 66 -2.81 0.56 -33.78
C SER A 66 -3.23 -0.06 -32.46
N LYS A 67 -4.17 0.60 -31.78
CA LYS A 67 -4.77 0.10 -30.54
C LYS A 67 -5.30 -1.33 -30.70
N GLU A 68 -5.98 -1.59 -31.82
CA GLU A 68 -6.59 -2.89 -32.07
C GLU A 68 -5.56 -4.01 -32.23
N GLU A 69 -4.49 -3.72 -32.98
CA GLU A 69 -3.35 -4.63 -33.10
C GLU A 69 -2.79 -4.99 -31.72
N ARG A 70 -2.54 -3.95 -30.93
CA ARG A 70 -1.86 -4.08 -29.65
C ARG A 70 -2.69 -4.83 -28.62
N GLU A 71 -3.97 -4.48 -28.52
CA GLU A 71 -4.86 -5.09 -27.54
C GLU A 71 -5.18 -6.54 -27.88
N SER A 72 -5.18 -6.87 -29.17
CA SER A 72 -5.40 -8.25 -29.60
C SER A 72 -4.14 -9.06 -29.43
N LYS A 73 -3.00 -8.49 -29.83
CA LYS A 73 -1.69 -9.15 -29.67
C LYS A 73 -1.22 -9.25 -28.21
N PHE A 74 -1.33 -8.15 -27.47
CA PHE A 74 -0.71 -8.08 -26.13
C PHE A 74 -1.66 -7.78 -24.97
N GLY A 75 -2.86 -7.29 -25.27
CA GLY A 75 -3.84 -7.02 -24.22
C GLY A 75 -3.93 -5.55 -23.86
N LYS A 76 -4.63 -5.26 -22.77
CA LYS A 76 -4.91 -3.88 -22.37
C LYS A 76 -3.81 -3.23 -21.53
N ASP A 77 -3.62 -1.92 -21.74
CA ASP A 77 -2.59 -1.12 -21.06
C ASP A 77 -2.55 -1.30 -19.55
N ARG A 78 -3.71 -1.52 -18.95
CA ARG A 78 -3.85 -1.64 -17.50
C ARG A 78 -3.08 -2.82 -16.91
N ASP A 79 -2.70 -3.76 -17.77
CA ASP A 79 -1.95 -4.94 -17.39
C ASP A 79 -0.45 -4.75 -17.58
N TRP A 80 -0.06 -3.64 -18.18
CA TRP A 80 1.35 -3.40 -18.52
C TRP A 80 1.97 -2.28 -17.70
N ASN A 81 2.95 -2.67 -16.88
CA ASN A 81 3.73 -1.72 -16.08
C ASN A 81 5.20 -1.96 -16.35
N VAL A 82 5.68 -1.39 -17.46
CA VAL A 82 7.02 -1.66 -17.96
C VAL A 82 8.04 -0.65 -17.44
N ASP A 83 8.88 -1.09 -16.49
CA ASP A 83 10.00 -0.28 -16.03
C ASP A 83 10.97 -0.06 -17.19
N LEU A 84 11.38 1.20 -17.35
CA LEU A 84 12.40 1.54 -18.36
C LEU A 84 13.77 1.03 -17.94
N ILE A 85 14.05 1.13 -16.63
CA ILE A 85 15.28 0.56 -16.07
C ILE A 85 14.95 -0.38 -14.91
N PRO A 86 14.51 -1.61 -15.22
CA PRO A 86 14.21 -2.55 -14.14
C PRO A 86 15.48 -3.08 -13.49
N LYS A 87 15.45 -3.17 -12.16
CA LYS A 87 16.55 -3.69 -11.37
C LYS A 87 16.02 -4.50 -10.20
N PHE A 88 16.75 -5.55 -9.84
CA PHE A 88 16.35 -6.45 -8.77
C PHE A 88 16.98 -6.08 -7.41
N LEU A 89 16.32 -6.49 -6.35
CA LEU A 89 16.70 -6.17 -4.98
C LEU A 89 17.30 -7.41 -4.34
N MET A 90 18.51 -7.29 -3.81
CA MET A 90 19.15 -8.36 -3.05
C MET A 90 18.41 -8.47 -1.72
N ALA A 91 17.73 -9.60 -1.52
CA ALA A 91 16.83 -9.77 -0.37
C ALA A 91 17.41 -9.35 0.98
N ASN A 92 18.63 -9.74 1.30
CA ASN A 92 19.23 -9.40 2.59
C ASN A 92 20.19 -8.20 2.53
N GLY A 93 20.27 -7.54 1.38
CA GLY A 93 21.19 -6.41 1.24
C GLY A 93 20.80 -5.17 2.01
N GLU A 94 21.71 -4.19 1.99
CA GLU A 94 21.52 -2.90 2.64
C GLU A 94 20.28 -2.12 2.19
N LEU A 95 19.97 -2.14 0.90
CA LEU A 95 18.81 -1.42 0.40
C LEU A 95 17.48 -1.88 1.02
N THR A 96 17.31 -3.18 1.22
CA THR A 96 16.11 -3.70 1.89
C THR A 96 15.95 -3.09 3.28
N ASN A 97 17.05 -3.05 4.04
CA ASN A 97 17.08 -2.41 5.35
C ASN A 97 16.72 -0.94 5.27
N ILE A 98 17.22 -0.28 4.24
CA ILE A 98 16.96 1.13 3.98
C ILE A 98 15.49 1.36 3.66
N LEU A 99 14.94 0.49 2.81
CA LEU A 99 13.55 0.64 2.35
C LEU A 99 12.57 0.39 3.48
N ILE A 100 12.88 -0.59 4.32
CA ILE A 100 12.08 -0.90 5.50
C ILE A 100 12.15 0.26 6.50
N HIS A 101 13.36 0.80 6.71
CA HIS A 101 13.55 1.92 7.62
C HIS A 101 12.62 3.07 7.27
N THR A 102 12.56 3.41 5.99
CA THR A 102 11.69 4.49 5.51
C THR A 102 10.22 4.10 5.58
N ASP A 103 9.94 2.80 5.64
CA ASP A 103 8.57 2.27 5.69
C ASP A 103 7.80 2.46 4.39
N VAL A 104 8.52 2.58 3.27
CA VAL A 104 7.88 2.61 1.96
C VAL A 104 7.30 1.23 1.65
N THR A 105 7.79 0.23 2.39
CA THR A 105 7.37 -1.15 2.25
C THR A 105 5.93 -1.39 2.74
N ARG A 106 5.31 -0.37 3.32
CA ARG A 106 3.90 -0.47 3.68
C ARG A 106 2.99 -0.31 2.45
N TYR A 107 3.55 0.23 1.37
CA TYR A 107 2.83 0.42 0.10
C TYR A 107 3.30 -0.51 -1.01
N VAL A 108 4.56 -0.94 -0.89
CA VAL A 108 5.23 -1.68 -1.95
C VAL A 108 5.41 -3.12 -1.50
N ASP A 109 5.01 -4.04 -2.37
CA ASP A 109 5.08 -5.46 -2.05
C ASP A 109 6.12 -6.18 -2.90
N PHE A 110 7.26 -6.47 -2.29
CA PHE A 110 8.37 -7.14 -2.98
C PHE A 110 8.13 -8.64 -3.04
N LYS A 111 8.10 -9.17 -4.25
CA LYS A 111 7.94 -10.60 -4.46
C LYS A 111 9.23 -11.21 -5.03
N GLN A 112 9.52 -12.43 -4.56
CA GLN A 112 10.64 -13.23 -5.02
C GLN A 112 10.73 -13.35 -6.53
N VAL A 113 11.95 -13.18 -7.04
CA VAL A 113 12.28 -13.53 -8.41
C VAL A 113 12.59 -15.04 -8.41
N SER A 114 12.10 -15.73 -9.42
CA SER A 114 12.09 -17.19 -9.42
C SER A 114 13.44 -17.89 -9.65
N GLY A 115 14.37 -17.22 -10.32
CA GLY A 115 15.65 -17.84 -10.65
C GLY A 115 16.82 -16.89 -10.77
N SER A 116 18.01 -17.47 -10.76
CA SER A 116 19.25 -16.74 -10.91
C SER A 116 20.18 -17.60 -11.78
N TYR A 117 20.57 -17.04 -12.93
CA TYR A 117 21.29 -17.79 -13.95
C TYR A 117 22.60 -17.12 -14.38
N VAL A 118 23.50 -17.94 -14.90
CA VAL A 118 24.75 -17.45 -15.45
C VAL A 118 25.00 -18.08 -16.82
N PHE A 119 25.59 -17.30 -17.70
CA PHE A 119 25.89 -17.73 -19.06
C PHE A 119 27.29 -18.36 -19.12
N LYS A 120 27.37 -19.50 -19.80
CA LYS A 120 28.64 -20.17 -20.06
C LYS A 120 28.65 -20.82 -21.43
N GLN A 121 29.57 -20.36 -22.28
CA GLN A 121 29.85 -20.98 -23.58
C GLN A 121 28.58 -21.25 -24.41
N GLY A 122 27.66 -20.30 -24.40
CA GLY A 122 26.47 -20.37 -25.25
C GLY A 122 25.17 -20.75 -24.57
N LYS A 123 25.25 -21.32 -23.35
CA LYS A 123 24.05 -21.68 -22.59
C LYS A 123 24.01 -20.98 -21.23
N ILE A 124 22.84 -21.02 -20.59
CA ILE A 124 22.67 -20.46 -19.25
C ILE A 124 22.36 -21.57 -18.22
N TYR A 125 22.87 -21.39 -17.02
CA TYR A 125 22.75 -22.38 -15.94
C TYR A 125 22.39 -21.69 -14.65
N LYS A 126 21.61 -22.38 -13.81
CA LYS A 126 21.33 -21.94 -12.46
C LYS A 126 22.62 -21.70 -11.68
N VAL A 127 22.68 -20.58 -10.97
CA VAL A 127 23.79 -20.31 -10.08
C VAL A 127 23.58 -21.12 -8.80
N PRO A 128 24.50 -22.06 -8.51
CA PRO A 128 24.37 -22.94 -7.34
C PRO A 128 24.70 -22.20 -6.05
N ALA A 129 23.73 -22.13 -5.13
CA ALA A 129 23.83 -21.29 -3.94
C ALA A 129 23.90 -22.10 -2.64
N ASN A 130 23.84 -23.41 -2.77
CA ASN A 130 24.00 -24.32 -1.65
C ASN A 130 24.71 -25.61 -2.07
N GLU A 131 25.15 -26.36 -1.07
CA GLU A 131 25.94 -27.57 -1.28
C GLU A 131 25.21 -28.56 -2.18
N ILE A 132 23.90 -28.67 -1.98
CA ILE A 132 23.03 -29.52 -2.79
C ILE A 132 23.02 -29.13 -4.27
N GLU A 133 22.83 -27.85 -4.55
CA GLU A 133 22.83 -27.34 -5.92
C GLU A 133 24.20 -27.53 -6.59
N ALA A 134 25.26 -27.41 -5.81
CA ALA A 134 26.63 -27.51 -6.31
C ALA A 134 26.92 -28.90 -6.86
N ILE A 135 26.47 -29.93 -6.15
CA ILE A 135 26.70 -31.33 -6.55
C ILE A 135 25.86 -31.78 -7.74
N SER A 136 24.84 -30.99 -8.09
CA SER A 136 23.94 -31.31 -9.19
C SER A 136 24.16 -30.44 -10.43
N SER A 137 25.08 -29.48 -10.33
CA SER A 137 25.23 -28.43 -11.35
C SER A 137 26.04 -28.83 -12.59
N PRO A 138 25.45 -28.68 -13.79
CA PRO A 138 26.17 -28.87 -15.05
C PRO A 138 27.21 -27.79 -15.35
N LEU A 139 27.28 -26.78 -14.49
CA LEU A 139 28.33 -25.76 -14.59
C LEU A 139 29.72 -26.34 -14.37
N MET A 140 29.80 -27.45 -13.63
CA MET A 140 31.09 -27.98 -13.19
C MET A 140 31.28 -29.47 -13.46
N GLY A 141 32.52 -29.86 -13.71
CA GLY A 141 32.93 -31.27 -13.78
C GLY A 141 32.79 -31.92 -12.41
N ILE A 142 32.98 -33.24 -12.35
CA ILE A 142 32.70 -33.99 -11.11
C ILE A 142 33.58 -33.63 -9.90
N PHE A 143 34.87 -33.40 -10.11
CA PHE A 143 35.74 -33.03 -8.99
C PHE A 143 35.49 -31.58 -8.57
N GLU A 144 35.24 -30.71 -9.56
CA GLU A 144 34.91 -29.31 -9.33
C GLU A 144 33.62 -29.15 -8.54
N LYS A 145 32.62 -29.95 -8.87
CA LYS A 145 31.39 -30.00 -8.10
C LYS A 145 31.72 -30.11 -6.61
N ARG A 146 32.64 -31.00 -6.27
CA ARG A 146 32.96 -31.31 -4.89
C ARG A 146 33.83 -30.24 -4.21
N ARG A 147 34.66 -29.56 -4.99
CA ARG A 147 35.40 -28.40 -4.48
C ARG A 147 34.45 -27.26 -4.13
N MET A 148 33.46 -27.03 -5.00
CA MET A 148 32.48 -25.97 -4.83
C MET A 148 31.60 -26.19 -3.60
N LYS A 149 31.25 -27.45 -3.35
CA LYS A 149 30.51 -27.81 -2.15
C LYS A 149 31.30 -27.45 -0.88
N LYS A 150 32.60 -27.73 -0.91
CA LYS A 150 33.50 -27.44 0.21
C LYS A 150 33.66 -25.94 0.41
N PHE A 151 33.79 -25.21 -0.70
CA PHE A 151 33.84 -23.76 -0.70
C PHE A 151 32.60 -23.15 -0.04
N LEU A 152 31.41 -23.64 -0.41
CA LEU A 152 30.16 -23.12 0.15
C LEU A 152 29.95 -23.57 1.60
N GLU A 153 30.41 -24.77 1.94
CA GLU A 153 30.46 -25.23 3.33
C GLU A 153 31.31 -24.26 4.16
N TRP A 154 32.41 -23.80 3.57
CA TRP A 154 33.31 -22.86 4.23
C TRP A 154 32.66 -21.49 4.43
N ILE A 155 32.09 -20.94 3.34
CA ILE A 155 31.33 -19.69 3.38
C ILE A 155 30.33 -19.67 4.54
N SER A 156 29.65 -20.80 4.76
CA SER A 156 28.59 -20.89 5.76
C SER A 156 29.09 -21.15 7.16
N SER A 157 30.22 -21.85 7.26
CA SER A 157 30.77 -22.26 8.55
C SER A 157 31.81 -21.29 9.13
N TYR A 158 32.42 -20.46 8.28
CA TYR A 158 33.36 -19.42 8.73
C TYR A 158 32.77 -18.57 9.85
N LYS A 159 33.52 -18.45 10.93
CA LYS A 159 33.23 -17.51 12.01
C LYS A 159 34.52 -16.76 12.27
N GLU A 160 34.41 -15.44 12.40
CA GLU A 160 35.58 -14.61 12.65
C GLU A 160 36.25 -14.99 13.98
N ASP A 161 35.43 -15.29 14.98
CA ASP A 161 35.92 -15.61 16.32
C ASP A 161 36.18 -17.11 16.57
N ASP A 162 36.05 -17.92 15.54
CA ASP A 162 36.38 -19.34 15.64
C ASP A 162 37.43 -19.67 14.59
N LEU A 163 38.69 -19.71 15.03
CA LEU A 163 39.85 -19.84 14.16
C LEU A 163 39.87 -21.09 13.30
N SER A 164 39.36 -22.20 13.83
CA SER A 164 39.36 -23.48 13.12
C SER A 164 38.50 -23.44 11.85
N THR A 165 37.42 -22.66 11.89
CA THR A 165 36.51 -22.52 10.74
C THR A 165 37.15 -21.81 9.56
N HIS A 166 38.26 -21.11 9.81
CA HIS A 166 38.95 -20.32 8.79
C HIS A 166 39.62 -21.18 7.73
N GLN A 167 40.00 -22.40 8.10
CA GLN A 167 40.69 -23.36 7.22
C GLN A 167 42.02 -22.82 6.67
N GLY A 168 42.78 -22.14 7.54
CA GLY A 168 44.11 -21.67 7.19
C GLY A 168 44.15 -20.38 6.40
N LEU A 169 42.97 -19.84 6.12
CA LEU A 169 42.87 -18.63 5.32
C LEU A 169 42.52 -17.46 6.21
N ASP A 170 43.05 -16.29 5.89
CA ASP A 170 42.52 -15.08 6.51
C ASP A 170 42.09 -14.03 5.49
N LEU A 171 40.93 -13.45 5.74
CA LEU A 171 40.21 -12.63 4.78
C LEU A 171 40.87 -11.27 4.52
N ASP A 172 41.76 -10.86 5.41
CA ASP A 172 42.46 -9.59 5.26
C ASP A 172 43.77 -9.75 4.53
N LYS A 173 44.52 -10.81 4.84
CA LYS A 173 45.84 -11.00 4.24
C LYS A 173 45.86 -11.80 2.95
N ASN A 174 44.90 -12.71 2.78
CA ASN A 174 44.80 -13.48 1.56
C ASN A 174 43.98 -12.76 0.51
N THR A 175 44.42 -12.81 -0.74
CA THR A 175 43.59 -12.33 -1.86
C THR A 175 42.50 -13.37 -2.12
N MET A 176 41.49 -13.00 -2.89
CA MET A 176 40.44 -13.94 -3.27
C MET A 176 40.98 -15.05 -4.17
N ASP A 177 41.94 -14.69 -5.03
CA ASP A 177 42.60 -15.67 -5.88
C ASP A 177 43.32 -16.73 -5.04
N GLU A 178 43.83 -16.32 -3.87
CA GLU A 178 44.46 -17.27 -2.95
C GLU A 178 43.45 -18.15 -2.21
N VAL A 179 42.27 -17.60 -1.93
CA VAL A 179 41.14 -18.37 -1.42
C VAL A 179 40.73 -19.42 -2.47
N TYR A 180 40.58 -19.00 -3.72
CA TYR A 180 40.25 -19.90 -4.83
C TYR A 180 41.30 -21.01 -4.99
N TYR A 181 42.57 -20.63 -4.90
CA TYR A 181 43.70 -21.59 -4.98
C TYR A 181 43.61 -22.65 -3.90
N LYS A 182 43.34 -22.22 -2.66
CA LYS A 182 43.18 -23.13 -1.52
C LYS A 182 42.17 -24.21 -1.85
N PHE A 183 41.03 -23.82 -2.39
CA PHE A 183 39.93 -24.74 -2.66
C PHE A 183 40.05 -25.48 -4.00
N GLY A 184 41.03 -25.07 -4.80
CA GLY A 184 41.33 -25.72 -6.09
C GLY A 184 40.42 -25.33 -7.23
N LEU A 185 39.83 -24.14 -7.15
CA LEU A 185 38.77 -23.73 -8.06
C LEU A 185 39.29 -23.27 -9.41
N GLY A 186 38.70 -23.83 -10.47
CA GLY A 186 39.05 -23.49 -11.85
C GLY A 186 38.59 -22.08 -12.24
N ASN A 187 39.07 -21.61 -13.39
CA ASN A 187 38.78 -20.26 -13.87
C ASN A 187 37.32 -19.97 -14.21
N SER A 188 36.62 -20.96 -14.76
CA SER A 188 35.20 -20.82 -15.06
C SER A 188 34.36 -20.72 -13.79
N THR A 189 34.75 -21.48 -12.78
CA THR A 189 34.06 -21.48 -11.50
C THR A 189 34.20 -20.13 -10.82
N LYS A 190 35.42 -19.58 -10.81
CA LYS A 190 35.60 -18.31 -10.18
C LYS A 190 34.92 -17.17 -10.92
N GLU A 191 34.77 -17.35 -12.24
CA GLU A 191 33.99 -16.42 -13.04
C GLU A 191 32.55 -16.29 -12.55
N PHE A 192 31.83 -17.42 -12.44
CA PHE A 192 30.45 -17.35 -11.95
C PHE A 192 30.33 -16.98 -10.47
N ILE A 193 31.33 -17.32 -9.66
CA ILE A 193 31.36 -16.86 -8.26
C ILE A 193 31.54 -15.33 -8.19
N GLY A 194 32.55 -14.83 -8.90
CA GLY A 194 32.86 -13.40 -8.90
C GLY A 194 31.79 -12.54 -9.54
N HIS A 195 31.33 -12.95 -10.72
CA HIS A 195 30.42 -12.14 -11.51
C HIS A 195 28.95 -12.34 -11.17
N ALA A 196 28.59 -13.54 -10.70
CA ALA A 196 27.18 -13.88 -10.47
C ALA A 196 26.78 -14.12 -9.00
N MET A 197 27.74 -14.30 -8.11
CA MET A 197 27.44 -14.42 -6.66
C MET A 197 27.92 -13.20 -5.89
N ALA A 198 29.22 -12.90 -6.01
CA ALA A 198 29.82 -11.70 -5.43
C ALA A 198 29.37 -10.43 -6.15
N LEU A 199 28.96 -10.60 -7.41
CA LEU A 199 28.42 -9.52 -8.27
C LEU A 199 29.43 -8.44 -8.61
N TRP A 200 30.71 -8.80 -8.64
CA TRP A 200 31.73 -7.92 -9.18
C TRP A 200 31.52 -7.76 -10.70
N THR A 201 31.89 -6.59 -11.21
CA THR A 201 31.68 -6.24 -12.62
C THR A 201 32.94 -6.49 -13.48
N ASN A 202 34.04 -6.84 -12.81
CA ASN A 202 35.31 -7.17 -13.45
C ASN A 202 36.14 -8.11 -12.56
N ASP A 203 37.36 -8.44 -12.97
CA ASP A 203 38.17 -9.43 -12.23
C ASP A 203 39.19 -8.83 -11.24
N ASP A 204 39.11 -7.51 -11.02
CA ASP A 204 40.02 -6.82 -10.08
C ASP A 204 40.03 -7.42 -8.66
N TYR A 205 38.88 -7.93 -8.22
CA TYR A 205 38.75 -8.55 -6.91
C TYR A 205 39.74 -9.71 -6.66
N LEU A 206 40.24 -10.30 -7.74
CA LEU A 206 41.15 -11.45 -7.65
C LEU A 206 42.43 -11.13 -6.84
N GLN A 207 42.92 -9.89 -6.99
CA GLN A 207 44.16 -9.44 -6.34
C GLN A 207 43.93 -8.57 -5.12
N GLN A 208 42.68 -8.51 -4.66
CA GLN A 208 42.31 -7.71 -3.50
C GLN A 208 42.03 -8.63 -2.32
N PRO A 209 42.16 -8.13 -1.08
CA PRO A 209 41.82 -8.95 0.10
C PRO A 209 40.48 -9.65 -0.10
N ALA A 210 40.39 -10.90 0.36
CA ALA A 210 39.20 -11.72 0.15
C ALA A 210 37.95 -11.25 0.91
N ARG A 211 38.15 -10.55 2.02
CA ARG A 211 37.05 -10.15 2.91
C ARG A 211 35.78 -9.62 2.21
N PRO A 212 35.91 -8.57 1.35
CA PRO A 212 34.72 -8.04 0.66
C PRO A 212 34.05 -9.05 -0.27
N SER A 213 34.85 -9.81 -1.02
CA SER A 213 34.35 -10.95 -1.81
C SER A 213 33.62 -11.96 -0.92
N PHE A 214 34.24 -12.35 0.19
CA PHE A 214 33.63 -13.31 1.11
C PHE A 214 32.25 -12.83 1.55
N GLU A 215 32.16 -11.56 1.96
CA GLU A 215 30.93 -10.99 2.48
C GLU A 215 29.80 -10.97 1.45
N ARG A 216 30.11 -10.57 0.21
CA ARG A 216 29.08 -10.52 -0.84
C ARG A 216 28.55 -11.91 -1.22
N ILE A 217 29.43 -12.91 -1.23
CA ILE A 217 29.05 -14.29 -1.56
C ILE A 217 28.15 -14.86 -0.46
N LEU A 218 28.56 -14.63 0.79
CA LEU A 218 27.76 -15.00 1.95
C LEU A 218 26.40 -14.32 1.88
N LEU A 219 26.39 -13.01 1.63
CA LEU A 219 25.13 -12.27 1.45
C LEU A 219 24.26 -12.93 0.37
N TYR A 220 24.87 -13.28 -0.76
CA TYR A 220 24.16 -13.92 -1.85
C TYR A 220 23.49 -15.22 -1.39
N CYS A 221 24.27 -16.08 -0.73
CA CYS A 221 23.76 -17.37 -0.27
C CYS A 221 22.68 -17.24 0.79
N GLN A 222 22.86 -16.30 1.72
CA GLN A 222 21.87 -16.04 2.77
C GLN A 222 20.57 -15.48 2.20
N SER A 223 20.70 -14.68 1.14
CA SER A 223 19.54 -14.09 0.46
C SER A 223 18.72 -15.12 -0.30
N VAL A 224 19.37 -16.14 -0.84
CA VAL A 224 18.69 -17.25 -1.51
C VAL A 224 17.92 -18.08 -0.48
N ALA A 225 18.59 -18.40 0.63
CA ALA A 225 18.01 -19.23 1.68
C ALA A 225 16.77 -18.61 2.34
N ARG A 226 16.67 -17.28 2.28
CA ARG A 226 15.51 -16.55 2.79
C ARG A 226 14.19 -17.14 2.27
N TYR A 227 13.95 -17.03 0.98
CA TYR A 227 12.70 -17.53 0.41
C TYR A 227 12.85 -18.78 -0.47
N GLY A 228 14.09 -19.12 -0.83
CA GLY A 228 14.37 -20.42 -1.44
C GLY A 228 14.63 -20.53 -2.94
N LYS A 229 14.29 -19.50 -3.72
CA LYS A 229 14.39 -19.61 -5.19
C LYS A 229 15.52 -18.81 -5.82
N SER A 230 15.71 -17.57 -5.37
CA SER A 230 16.81 -16.73 -5.82
C SER A 230 17.08 -15.67 -4.73
N PRO A 231 18.18 -14.91 -4.85
CA PRO A 231 18.42 -13.88 -3.86
C PRO A 231 17.69 -12.56 -4.15
N TYR A 232 16.92 -12.51 -5.23
CA TYR A 232 16.42 -11.25 -5.77
C TYR A 232 14.94 -11.03 -5.55
N LEU A 233 14.59 -9.79 -5.25
CA LEU A 233 13.20 -9.36 -5.11
C LEU A 233 12.80 -8.32 -6.16
N TYR A 234 11.51 -8.26 -6.46
CA TYR A 234 10.97 -7.32 -7.41
C TYR A 234 9.53 -6.98 -6.98
N PRO A 235 9.17 -5.68 -7.01
CA PRO A 235 7.86 -5.28 -6.49
C PRO A 235 6.73 -5.73 -7.40
N MET A 236 5.60 -6.10 -6.80
CA MET A 236 4.38 -6.32 -7.57
C MET A 236 4.03 -5.01 -8.28
N TYR A 237 3.67 -5.12 -9.55
CA TYR A 237 3.40 -3.95 -10.42
C TYR A 237 4.68 -3.20 -10.85
N GLY A 238 5.84 -3.68 -10.37
CA GLY A 238 7.13 -3.14 -10.80
C GLY A 238 7.58 -1.92 -10.03
N LEU A 239 8.70 -1.35 -10.46
CA LEU A 239 9.41 -0.30 -9.72
C LEU A 239 8.69 1.04 -9.67
N GLY A 240 7.66 1.20 -10.51
CA GLY A 240 6.83 2.40 -10.52
C GLY A 240 6.04 2.60 -9.24
N GLU A 241 5.91 1.53 -8.46
CA GLU A 241 5.23 1.57 -7.17
C GLU A 241 6.01 2.35 -6.12
N LEU A 242 7.32 2.40 -6.26
CA LEU A 242 8.20 3.05 -5.27
C LEU A 242 8.11 4.58 -5.15
N PRO A 243 8.17 5.32 -6.28
CA PRO A 243 7.93 6.76 -6.19
C PRO A 243 6.53 7.11 -5.67
N GLN A 244 5.52 6.36 -6.11
CA GLN A 244 4.15 6.50 -5.59
C GLN A 244 4.09 6.30 -4.08
N GLY A 245 4.78 5.27 -3.59
CA GLY A 245 4.86 4.98 -2.18
C GLY A 245 5.61 6.04 -1.38
N PHE A 246 6.65 6.61 -1.99
CA PHE A 246 7.44 7.67 -1.36
C PHE A 246 6.68 8.99 -1.32
N ALA A 247 5.85 9.22 -2.33
CA ALA A 247 4.95 10.36 -2.37
C ALA A 247 3.93 10.32 -1.21
N ARG A 248 3.39 9.14 -0.95
CA ARG A 248 2.43 8.94 0.14
C ARG A 248 3.13 9.18 1.46
N LEU A 249 4.25 8.50 1.64
CA LEU A 249 5.08 8.59 2.85
C LEU A 249 5.46 10.03 3.20
N SER A 250 5.60 10.86 2.17
CA SER A 250 5.94 12.26 2.34
C SER A 250 4.82 13.02 3.06
N ALA A 251 3.59 12.86 2.55
CA ALA A 251 2.40 13.48 3.13
C ALA A 251 2.28 13.26 4.64
N ILE A 252 2.57 12.05 5.07
CA ILE A 252 2.57 11.67 6.49
C ILE A 252 3.56 12.49 7.30
N TYR A 253 4.68 12.86 6.68
CA TYR A 253 5.71 13.64 7.33
C TYR A 253 5.68 15.11 6.93
N GLY A 254 4.50 15.57 6.51
CA GLY A 254 4.30 16.96 6.12
C GLY A 254 5.12 17.37 4.91
N GLY A 255 5.21 16.47 3.93
CA GLY A 255 5.93 16.73 2.70
C GLY A 255 5.01 17.03 1.54
N THR A 256 5.56 17.69 0.52
CA THR A 256 4.82 18.06 -0.67
C THR A 256 5.53 17.52 -1.92
N TYR A 257 4.93 16.54 -2.59
CA TYR A 257 5.42 16.10 -3.89
C TYR A 257 4.72 16.91 -4.98
N MET A 258 5.44 17.88 -5.54
CA MET A 258 4.90 18.75 -6.58
C MET A 258 5.28 18.26 -7.97
N LEU A 259 4.40 17.46 -8.57
CA LEU A 259 4.59 17.04 -9.95
C LEU A 259 4.21 18.16 -10.92
N ASP A 260 4.52 17.94 -12.20
CA ASP A 260 4.17 18.86 -13.29
C ASP A 260 4.58 20.32 -13.03
N THR A 261 5.64 20.52 -12.25
CA THR A 261 6.11 21.85 -11.91
C THR A 261 7.56 22.08 -12.33
N PRO A 262 7.76 22.60 -13.56
CA PRO A 262 9.10 22.95 -14.06
C PRO A 262 9.82 23.99 -13.19
N ILE A 263 11.15 23.99 -13.26
CA ILE A 263 11.97 24.98 -12.59
C ILE A 263 12.26 26.11 -13.57
N ASP A 264 11.70 27.28 -13.31
CA ASP A 264 11.87 28.42 -14.20
C ASP A 264 13.26 29.00 -14.02
N GLU A 265 13.70 29.09 -12.77
CA GLU A 265 15.03 29.58 -12.40
C GLU A 265 15.48 28.99 -11.07
N VAL A 266 16.79 28.76 -10.96
CA VAL A 266 17.42 28.35 -9.71
C VAL A 266 18.05 29.57 -9.05
N LEU A 267 17.73 29.79 -7.78
CA LEU A 267 18.24 30.94 -7.05
C LEU A 267 19.52 30.59 -6.30
N TYR A 268 20.49 31.49 -6.38
CA TYR A 268 21.77 31.35 -5.70
C TYR A 268 22.06 32.57 -4.81
N LYS A 269 22.76 32.33 -3.71
CA LYS A 269 23.18 33.42 -2.82
C LYS A 269 24.17 34.34 -3.55
N LYS A 270 24.21 35.61 -3.14
CA LYS A 270 24.98 36.64 -3.87
C LYS A 270 26.47 36.33 -4.06
N ASP A 271 27.24 36.37 -2.98
CA ASP A 271 28.70 36.25 -3.08
C ASP A 271 29.22 34.81 -3.06
N THR A 272 28.62 33.97 -2.22
CA THR A 272 29.09 32.59 -2.04
C THR A 272 28.72 31.65 -3.21
N GLY A 273 27.60 31.91 -3.86
CA GLY A 273 27.16 31.12 -5.01
C GLY A 273 26.51 29.80 -4.63
N LYS A 274 26.13 29.68 -3.37
CA LYS A 274 25.46 28.49 -2.85
C LYS A 274 23.99 28.50 -3.26
N PHE A 275 23.36 27.33 -3.22
CA PHE A 275 21.93 27.20 -3.51
C PHE A 275 21.08 28.01 -2.52
N GLU A 276 20.01 28.62 -3.03
CA GLU A 276 19.08 29.39 -2.21
C GLU A 276 17.66 28.83 -2.31
N GLY A 277 17.23 28.56 -3.54
CA GLY A 277 15.88 28.08 -3.81
C GLY A 277 15.56 28.05 -5.28
N VAL A 278 14.28 27.88 -5.61
CA VAL A 278 13.83 27.79 -7.00
C VAL A 278 12.59 28.64 -7.29
N LYS A 279 12.45 29.07 -8.55
CA LYS A 279 11.31 29.83 -9.01
C LYS A 279 10.40 28.96 -9.88
N THR A 280 9.13 28.88 -9.50
CA THR A 280 8.15 28.04 -10.22
C THR A 280 6.87 28.82 -10.60
N LYS A 281 5.98 28.15 -11.34
CA LYS A 281 4.67 28.70 -11.66
C LYS A 281 3.77 28.71 -10.41
N LEU A 282 4.19 27.97 -9.39
CA LEU A 282 3.46 27.89 -8.13
C LEU A 282 4.09 28.75 -7.04
N GLY A 283 5.16 29.48 -7.39
CA GLY A 283 5.81 30.38 -6.44
C GLY A 283 7.32 30.22 -6.31
N THR A 284 7.85 30.73 -5.20
CA THR A 284 9.29 30.73 -4.93
C THR A 284 9.54 29.99 -3.63
N PHE A 285 10.41 28.98 -3.69
CA PHE A 285 10.66 28.13 -2.52
C PHE A 285 12.15 28.03 -2.19
N LYS A 286 12.45 28.05 -0.89
CA LYS A 286 13.83 28.20 -0.43
C LYS A 286 14.27 27.11 0.55
N ALA A 287 15.55 26.77 0.47
CA ALA A 287 16.17 25.76 1.34
C ALA A 287 17.70 25.92 1.32
N PRO A 288 18.37 25.53 2.41
CA PRO A 288 19.84 25.57 2.46
C PRO A 288 20.55 24.62 1.48
N LEU A 289 19.85 23.60 0.99
CA LEU A 289 20.45 22.60 0.10
C LEU A 289 19.46 21.96 -0.87
N VAL A 290 19.98 21.53 -2.02
CA VAL A 290 19.18 20.84 -3.03
C VAL A 290 19.81 19.48 -3.40
N ILE A 291 18.96 18.47 -3.48
CA ILE A 291 19.31 17.17 -4.02
C ILE A 291 18.57 17.07 -5.34
N ALA A 292 19.28 16.71 -6.41
CA ALA A 292 18.68 16.68 -7.74
C ALA A 292 19.33 15.64 -8.64
N ASP A 293 18.66 15.31 -9.75
CA ASP A 293 19.29 14.46 -10.75
C ASP A 293 20.02 15.29 -11.82
N PRO A 294 20.90 14.66 -12.62
CA PRO A 294 21.72 15.40 -13.57
C PRO A 294 20.96 16.30 -14.55
N THR A 295 19.70 15.98 -14.85
CA THR A 295 18.92 16.74 -15.85
C THR A 295 18.51 18.14 -15.36
N TYR A 296 18.59 18.36 -14.05
CA TYR A 296 18.29 19.65 -13.45
C TYR A 296 19.48 20.62 -13.41
N PHE A 297 20.69 20.05 -13.41
CA PHE A 297 21.93 20.82 -13.43
C PHE A 297 22.96 20.18 -14.38
N PRO A 298 22.69 20.20 -15.70
CA PRO A 298 23.60 19.47 -16.59
C PRO A 298 25.01 20.10 -16.66
N GLU A 299 25.10 21.41 -16.46
CA GLU A 299 26.38 22.11 -16.43
C GLU A 299 27.22 21.79 -15.18
N LYS A 300 26.58 21.14 -14.21
CA LYS A 300 27.27 20.75 -12.98
C LYS A 300 27.49 19.24 -12.93
N CYS A 301 27.25 18.61 -14.07
CA CYS A 301 27.49 17.18 -14.26
C CYS A 301 28.39 16.96 -15.44
N LYS A 302 29.04 15.79 -15.45
CA LYS A 302 29.93 15.42 -16.54
C LYS A 302 29.68 13.98 -16.97
N SER A 303 29.97 13.71 -18.22
CA SER A 303 29.87 12.38 -18.76
C SER A 303 30.95 11.49 -18.13
N THR A 304 30.58 10.22 -17.89
CA THR A 304 31.51 9.20 -17.46
C THR A 304 32.28 8.65 -18.68
N GLY A 305 31.83 9.00 -19.87
CA GLY A 305 32.31 8.38 -21.09
C GLY A 305 31.47 7.17 -21.47
N GLN A 306 30.65 6.70 -20.52
CA GLN A 306 29.86 5.49 -20.71
C GLN A 306 28.48 5.73 -21.32
N ARG A 307 28.13 4.86 -22.26
CA ARG A 307 26.77 4.78 -22.79
C ARG A 307 26.24 3.37 -22.57
N VAL A 308 24.96 3.28 -22.22
CA VAL A 308 24.30 1.99 -21.98
C VAL A 308 23.22 1.71 -23.04
N ILE A 309 23.24 0.50 -23.60
CA ILE A 309 22.14 0.05 -24.43
C ILE A 309 21.20 -0.83 -23.62
N ARG A 310 19.90 -0.51 -23.69
CA ARG A 310 18.85 -1.34 -23.09
C ARG A 310 17.88 -1.80 -24.17
N ALA A 311 17.60 -3.09 -24.19
CA ALA A 311 16.60 -3.66 -25.10
C ALA A 311 15.49 -4.33 -24.31
N ILE A 312 14.32 -3.70 -24.29
CA ILE A 312 13.14 -4.28 -23.68
C ILE A 312 12.46 -5.20 -24.71
N CYS A 313 12.52 -6.50 -24.44
CA CYS A 313 11.97 -7.51 -25.36
C CYS A 313 10.68 -8.08 -24.79
N ILE A 314 9.72 -8.32 -25.67
CA ILE A 314 8.48 -8.99 -25.30
C ILE A 314 8.47 -10.40 -25.88
N LEU A 315 8.12 -11.37 -25.04
CA LEU A 315 8.05 -12.77 -25.44
C LEU A 315 6.65 -13.32 -25.16
N ASN A 316 6.26 -14.35 -25.90
CA ASN A 316 4.99 -15.07 -25.69
C ASN A 316 5.18 -16.41 -25.00
N HIS A 317 6.41 -16.65 -24.54
CA HIS A 317 6.82 -17.92 -23.96
C HIS A 317 7.93 -17.66 -22.94
N PRO A 318 8.15 -18.60 -22.00
CA PRO A 318 9.24 -18.36 -21.05
C PRO A 318 10.59 -18.54 -21.72
N VAL A 319 11.65 -18.06 -21.08
CA VAL A 319 12.99 -18.18 -21.64
C VAL A 319 13.38 -19.65 -21.64
N PRO A 320 13.92 -20.14 -22.77
CA PRO A 320 14.40 -21.52 -22.85
C PRO A 320 15.42 -21.86 -21.76
N ASN A 321 15.33 -23.09 -21.26
CA ASN A 321 16.26 -23.64 -20.29
C ASN A 321 16.20 -22.97 -18.91
N THR A 322 15.02 -22.47 -18.55
CA THR A 322 14.81 -21.86 -17.24
C THR A 322 13.72 -22.57 -16.43
N SER A 323 13.31 -23.75 -16.92
CA SER A 323 12.23 -24.54 -16.31
C SER A 323 10.95 -23.72 -16.14
N ASN A 324 10.60 -22.98 -17.19
CA ASN A 324 9.41 -22.12 -17.21
C ASN A 324 9.35 -21.13 -16.04
N ALA A 325 10.49 -20.53 -15.70
CA ALA A 325 10.55 -19.56 -14.60
C ALA A 325 9.74 -18.31 -14.95
N ASP A 326 8.95 -17.85 -13.98
CA ASP A 326 8.13 -16.66 -14.18
C ASP A 326 8.93 -15.36 -14.10
N SER A 327 10.15 -15.47 -13.58
CA SER A 327 11.06 -14.32 -13.41
C SER A 327 12.47 -14.83 -13.13
N LEU A 328 13.48 -14.12 -13.61
CA LEU A 328 14.88 -14.51 -13.42
C LEU A 328 15.88 -13.42 -13.82
N GLN A 329 17.09 -13.50 -13.28
CA GLN A 329 18.21 -12.71 -13.77
C GLN A 329 19.19 -13.64 -14.48
N ILE A 330 19.71 -13.15 -15.61
CA ILE A 330 20.86 -13.79 -16.26
C ILE A 330 22.05 -12.83 -16.15
N ILE A 331 23.19 -13.36 -15.73
CA ILE A 331 24.45 -12.63 -15.84
C ILE A 331 25.31 -13.27 -16.90
N ILE A 332 25.70 -12.47 -17.89
CA ILE A 332 26.61 -12.91 -18.93
C ILE A 332 27.98 -12.27 -18.67
N PRO A 333 28.91 -13.03 -18.07
CA PRO A 333 30.25 -12.54 -17.74
C PRO A 333 31.01 -12.15 -19.00
N GLN A 334 31.72 -11.03 -18.93
CA GLN A 334 32.34 -10.40 -20.11
C GLN A 334 33.26 -11.30 -20.93
N SER A 335 34.06 -12.14 -20.26
CA SER A 335 35.05 -12.95 -20.97
C SER A 335 34.43 -14.10 -21.78
N GLN A 336 33.14 -14.35 -21.56
CA GLN A 336 32.40 -15.32 -22.35
C GLN A 336 32.13 -14.80 -23.76
N LEU A 337 32.12 -13.49 -23.91
CA LEU A 337 31.90 -12.85 -25.20
C LEU A 337 33.09 -12.00 -25.67
N GLY A 338 34.23 -12.18 -25.02
CA GLY A 338 35.42 -11.36 -25.29
C GLY A 338 35.18 -9.87 -25.10
N ARG A 339 34.36 -9.53 -24.10
CA ARG A 339 33.95 -8.15 -23.85
C ARG A 339 34.73 -7.51 -22.69
N LYS A 340 34.56 -6.19 -22.54
CA LYS A 340 35.09 -5.46 -21.39
C LYS A 340 34.03 -5.28 -20.31
N SER A 341 32.78 -5.66 -20.63
CA SER A 341 31.63 -5.44 -19.74
C SER A 341 30.64 -6.60 -19.78
N ASP A 342 30.16 -6.99 -18.60
CA ASP A 342 29.13 -7.99 -18.50
C ASP A 342 27.84 -7.52 -19.17
N ILE A 343 27.05 -8.49 -19.61
CA ILE A 343 25.70 -8.22 -20.09
C ILE A 343 24.71 -8.74 -19.05
N TYR A 344 23.67 -7.93 -18.80
CA TYR A 344 22.65 -8.23 -17.82
C TYR A 344 21.31 -8.44 -18.50
N VAL A 345 20.54 -9.40 -17.98
CA VAL A 345 19.17 -9.60 -18.41
C VAL A 345 18.25 -9.78 -17.21
N ALA A 346 17.24 -8.91 -17.12
CA ALA A 346 16.16 -9.09 -16.15
C ALA A 346 14.92 -9.62 -16.84
N ILE A 347 14.30 -10.64 -16.25
CA ILE A 347 13.12 -11.26 -16.84
C ILE A 347 11.99 -11.25 -15.83
N VAL A 348 10.89 -10.60 -16.19
CA VAL A 348 9.71 -10.54 -15.34
C VAL A 348 8.46 -10.86 -16.17
N SER A 349 7.36 -11.18 -15.50
CA SER A 349 6.14 -11.55 -16.22
C SER A 349 4.88 -11.18 -15.44
N ASP A 350 3.78 -11.88 -15.75
CA ASP A 350 2.47 -11.57 -15.18
C ASP A 350 2.43 -11.91 -13.69
N ALA A 351 3.36 -12.75 -13.26
CA ALA A 351 3.52 -13.10 -11.84
C ALA A 351 3.85 -11.87 -10.99
N HIS A 352 4.51 -10.88 -11.59
CA HIS A 352 4.78 -9.60 -10.92
C HIS A 352 3.85 -8.48 -11.38
N ASN A 353 2.93 -8.82 -12.29
CA ASN A 353 1.89 -7.90 -12.80
C ASN A 353 2.43 -6.70 -13.56
N VAL A 354 3.35 -6.98 -14.47
CA VAL A 354 3.98 -5.93 -15.28
C VAL A 354 3.64 -6.12 -16.76
N CYS A 355 3.07 -7.28 -17.06
CA CYS A 355 2.52 -7.55 -18.39
C CYS A 355 1.31 -8.47 -18.31
N SER A 356 0.61 -8.61 -19.43
CA SER A 356 -0.58 -9.46 -19.51
C SER A 356 -0.23 -10.94 -19.54
N LYS A 357 -1.20 -11.77 -19.11
CA LYS A 357 -1.05 -13.23 -19.01
C LYS A 357 -0.49 -13.85 -20.28
N GLY A 358 0.46 -14.77 -20.12
CA GLY A 358 1.11 -15.42 -21.26
C GLY A 358 2.26 -14.66 -21.89
N HIS A 359 2.53 -13.45 -21.40
CA HIS A 359 3.63 -12.62 -21.92
C HIS A 359 4.77 -12.46 -20.91
N TYR A 360 5.97 -12.23 -21.43
CA TYR A 360 7.17 -12.01 -20.60
C TYR A 360 7.92 -10.76 -21.05
N LEU A 361 8.52 -10.06 -20.09
CA LEU A 361 9.43 -8.96 -20.39
C LEU A 361 10.85 -9.42 -20.12
N ALA A 362 11.70 -9.31 -21.14
CA ALA A 362 13.11 -9.62 -21.01
C ALA A 362 13.89 -8.38 -21.37
N ILE A 363 14.53 -7.77 -20.37
CA ILE A 363 15.24 -6.52 -20.57
C ILE A 363 16.76 -6.74 -20.53
N ILE A 364 17.42 -6.42 -21.64
CA ILE A 364 18.86 -6.64 -21.78
C ILE A 364 19.59 -5.32 -21.68
N SER A 365 20.70 -5.30 -20.95
CA SER A 365 21.49 -4.09 -20.76
C SER A 365 22.99 -4.37 -20.63
N THR A 366 23.79 -3.47 -21.22
CA THR A 366 25.24 -3.52 -21.10
C THR A 366 25.86 -2.16 -21.44
N ILE A 367 27.10 -1.96 -20.99
CA ILE A 367 27.89 -0.80 -21.38
C ILE A 367 28.42 -1.02 -22.80
N ILE A 368 28.14 -0.06 -23.68
CA ILE A 368 28.54 -0.14 -25.08
C ILE A 368 30.06 -0.01 -25.24
N GLU A 369 30.64 -0.91 -26.04
CA GLU A 369 32.06 -0.84 -26.38
C GLU A 369 32.35 -0.94 -27.89
N THR A 370 31.33 -0.88 -28.73
CA THR A 370 31.52 -0.89 -30.19
C THR A 370 30.71 0.18 -30.91
N ASP A 371 31.01 0.38 -32.19
CA ASP A 371 30.22 1.28 -33.05
C ASP A 371 28.83 0.72 -33.39
N LYS A 372 28.64 -0.57 -33.12
CA LYS A 372 27.36 -1.24 -33.37
C LYS A 372 26.76 -1.86 -32.08
N PRO A 373 26.10 -1.04 -31.25
CA PRO A 373 25.63 -1.50 -29.93
C PRO A 373 24.59 -2.62 -29.99
N HIS A 374 23.65 -2.54 -30.92
CA HIS A 374 22.60 -3.55 -31.08
C HIS A 374 23.18 -4.94 -31.36
N ILE A 375 24.30 -4.97 -32.07
CA ILE A 375 25.00 -6.22 -32.40
C ILE A 375 25.74 -6.82 -31.19
N GLU A 376 26.14 -5.97 -30.26
CA GLU A 376 26.73 -6.45 -29.00
C GLU A 376 25.77 -7.34 -28.21
N LEU A 377 24.47 -7.12 -28.40
CA LEU A 377 23.43 -7.84 -27.67
C LEU A 377 22.97 -9.15 -28.32
N GLU A 378 23.46 -9.43 -29.54
CA GLU A 378 23.02 -10.64 -30.26
C GLU A 378 23.09 -11.93 -29.43
N PRO A 379 24.21 -12.18 -28.73
CA PRO A 379 24.30 -13.39 -27.91
C PRO A 379 23.19 -13.48 -26.88
N ALA A 380 22.75 -12.34 -26.38
CA ALA A 380 21.70 -12.27 -25.37
C ALA A 380 20.33 -12.49 -26.01
N PHE A 381 20.16 -11.93 -27.21
CA PHE A 381 18.94 -12.16 -27.98
C PHE A 381 18.74 -13.63 -28.27
N LYS A 382 19.84 -14.32 -28.62
CA LYS A 382 19.81 -15.75 -28.94
C LYS A 382 19.29 -16.63 -27.79
N LEU A 383 19.40 -16.13 -26.57
CA LEU A 383 19.02 -16.91 -25.37
C LEU A 383 17.52 -16.94 -25.14
N LEU A 384 16.81 -15.99 -25.75
CA LEU A 384 15.41 -15.74 -25.44
C LEU A 384 14.42 -16.55 -26.30
N GLY A 385 14.91 -17.11 -27.41
CA GLY A 385 14.05 -17.72 -28.41
C GLY A 385 13.33 -16.64 -29.22
N PRO A 386 12.23 -17.00 -29.90
CA PRO A 386 11.48 -16.03 -30.71
C PRO A 386 11.06 -14.79 -29.91
N ILE A 387 11.33 -13.61 -30.46
CA ILE A 387 11.02 -12.35 -29.79
C ILE A 387 9.93 -11.62 -30.57
N GLU A 388 8.86 -11.23 -29.88
CA GLU A 388 7.73 -10.54 -30.52
C GLU A 388 8.00 -9.08 -30.86
N GLU A 389 8.63 -8.35 -29.94
CA GLU A 389 9.02 -6.95 -30.17
C GLU A 389 10.17 -6.49 -29.29
N LYS A 390 11.05 -5.67 -29.87
CA LYS A 390 12.16 -5.05 -29.15
C LYS A 390 11.96 -3.54 -29.05
N PHE A 391 12.22 -2.99 -27.86
CA PHE A 391 12.19 -1.55 -27.65
C PHE A 391 13.56 -1.11 -27.13
N MET A 392 14.41 -0.64 -28.03
CA MET A 392 15.82 -0.42 -27.72
C MET A 392 16.22 1.04 -27.68
N GLY A 393 16.98 1.40 -26.64
CA GLY A 393 17.47 2.77 -26.46
C GLY A 393 18.91 2.83 -25.97
N ILE A 394 19.52 3.99 -26.14
CA ILE A 394 20.86 4.23 -25.66
C ILE A 394 20.82 5.46 -24.77
N ALA A 395 21.48 5.35 -23.62
CA ALA A 395 21.56 6.44 -22.65
C ALA A 395 23.03 6.66 -22.29
N GLU A 396 23.41 7.93 -22.16
CA GLU A 396 24.75 8.29 -21.69
C GLU A 396 24.69 8.47 -20.18
N LEU A 397 25.76 8.08 -19.50
CA LEU A 397 25.79 8.08 -18.05
C LEU A 397 26.57 9.28 -17.56
N PHE A 398 25.97 10.01 -16.63
CA PHE A 398 26.57 11.22 -16.08
C PHE A 398 26.89 11.10 -14.59
N GLU A 399 27.82 11.93 -14.14
CA GLU A 399 28.19 12.01 -12.73
C GLU A 399 28.42 13.47 -12.35
N PRO A 400 28.31 13.81 -11.05
CA PRO A 400 28.53 15.20 -10.66
C PRO A 400 29.98 15.63 -10.88
N ARG A 401 30.16 16.92 -11.17
CA ARG A 401 31.48 17.51 -11.28
C ARG A 401 32.10 17.73 -9.90
N GLU A 402 31.28 17.98 -8.89
CA GLU A 402 31.70 18.24 -7.51
C GLU A 402 30.78 17.48 -6.57
N ASP A 403 31.22 17.28 -5.32
CA ASP A 403 30.41 16.55 -4.33
C ASP A 403 29.32 17.39 -3.66
N GLY A 404 29.25 18.67 -4.00
CA GLY A 404 28.18 19.54 -3.51
C GLY A 404 28.49 20.31 -2.25
N SER A 405 29.72 20.21 -1.76
CA SER A 405 30.13 20.87 -0.52
C SER A 405 30.34 22.38 -0.72
N LYS A 406 30.63 22.78 -1.95
CA LYS A 406 30.90 24.18 -2.27
C LYS A 406 29.63 24.99 -2.55
N ASP A 407 28.59 24.32 -3.03
CA ASP A 407 27.42 25.01 -3.57
C ASP A 407 26.10 24.54 -2.98
N ASN A 408 26.18 23.53 -2.10
CA ASN A 408 25.01 22.86 -1.55
C ASN A 408 24.07 22.26 -2.62
N ILE A 409 24.66 21.86 -3.74
CA ILE A 409 23.94 21.20 -4.82
C ILE A 409 24.42 19.75 -4.91
N TYR A 410 23.59 18.84 -4.43
CA TYR A 410 23.94 17.42 -4.31
C TYR A 410 23.30 16.58 -5.42
N LEU A 411 24.12 16.10 -6.32
CA LEU A 411 23.63 15.44 -7.54
C LEU A 411 23.84 13.92 -7.52
N SER A 412 22.90 13.21 -8.14
CA SER A 412 22.95 11.76 -8.22
C SER A 412 23.61 11.37 -9.53
N ARG A 413 23.95 10.09 -9.64
CA ARG A 413 24.52 9.54 -10.85
C ARG A 413 23.42 8.93 -11.70
N SER A 414 23.62 8.93 -13.01
CA SER A 414 22.75 8.23 -13.93
C SER A 414 22.72 6.74 -13.58
N TYR A 415 21.57 6.10 -13.81
CA TYR A 415 21.40 4.67 -13.57
C TYR A 415 22.18 3.84 -14.56
N ASP A 416 23.05 2.98 -14.04
CA ASP A 416 23.97 2.20 -14.86
C ASP A 416 23.31 0.93 -15.41
N ALA A 417 24.13 0.08 -16.03
CA ALA A 417 23.67 -1.08 -16.79
C ALA A 417 23.19 -2.28 -15.96
N SER A 418 23.61 -2.37 -14.70
CA SER A 418 23.33 -3.57 -13.90
C SER A 418 21.84 -3.76 -13.69
N SER A 419 21.42 -5.02 -13.67
CA SER A 419 20.02 -5.38 -13.44
C SER A 419 19.70 -5.56 -11.95
N HIS A 420 20.62 -5.11 -11.09
CA HIS A 420 20.42 -5.17 -9.64
C HIS A 420 20.83 -3.85 -8.97
N PHE A 421 20.41 -3.65 -7.72
CA PHE A 421 20.42 -2.32 -7.09
C PHE A 421 21.66 -1.88 -6.33
N GLU A 422 22.76 -2.63 -6.42
CA GLU A 422 23.99 -2.30 -5.67
C GLU A 422 24.58 -0.89 -5.89
N SER A 423 24.83 -0.53 -7.15
CA SER A 423 25.47 0.75 -7.43
C SER A 423 24.55 1.93 -7.13
N MET A 424 23.24 1.70 -7.24
CA MET A 424 22.23 2.69 -6.89
C MET A 424 22.27 2.94 -5.37
N THR A 425 22.35 1.85 -4.60
CA THR A 425 22.49 1.91 -3.14
C THR A 425 23.78 2.60 -2.68
N ASP A 426 24.87 2.34 -3.40
CA ASP A 426 26.14 3.04 -3.17
C ASP A 426 25.97 4.56 -3.33
N ASP A 427 25.26 4.96 -4.39
CA ASP A 427 25.00 6.37 -4.67
C ASP A 427 24.14 7.03 -3.59
N VAL A 428 23.06 6.35 -3.17
CA VAL A 428 22.20 6.83 -2.08
C VAL A 428 22.99 7.08 -0.77
N LYS A 429 23.80 6.09 -0.38
CA LYS A 429 24.63 6.18 0.81
C LYS A 429 25.62 7.33 0.70
N ASP A 430 26.32 7.41 -0.43
CA ASP A 430 27.28 8.49 -0.70
C ASP A 430 26.62 9.88 -0.70
N ILE A 431 25.49 10.04 -1.39
CA ILE A 431 24.77 11.34 -1.39
C ILE A 431 24.30 11.72 0.02
N TYR A 432 23.79 10.74 0.77
CA TYR A 432 23.33 10.98 2.13
C TYR A 432 24.48 11.47 3.02
N PHE A 433 25.66 10.86 2.86
CA PHE A 433 26.85 11.26 3.59
C PHE A 433 27.26 12.70 3.27
N ARG A 434 27.21 13.05 1.99
CA ARG A 434 27.56 14.39 1.51
C ARG A 434 26.58 15.47 2.03
N VAL A 435 25.31 15.10 2.10
CA VAL A 435 24.23 16.01 2.49
C VAL A 435 24.22 16.27 4.00
N THR A 436 24.43 15.22 4.78
CA THR A 436 24.26 15.28 6.23
C THR A 436 25.57 15.31 7.01
N GLY A 437 26.69 15.13 6.30
CA GLY A 437 28.01 15.15 6.91
C GLY A 437 28.38 13.91 7.70
N HIS A 438 27.53 12.89 7.65
CA HIS A 438 27.78 11.62 8.35
C HIS A 438 27.20 10.43 7.58
N PRO A 439 27.80 9.23 7.77
CA PRO A 439 27.28 8.01 7.15
C PRO A 439 25.86 7.68 7.58
N LEU A 440 25.14 6.97 6.71
CA LEU A 440 23.75 6.60 6.94
C LEU A 440 23.65 5.48 7.98
N VAL A 441 22.98 5.77 9.08
CA VAL A 441 22.67 4.77 10.10
C VAL A 441 21.16 4.68 10.26
N LEU A 442 20.64 3.46 10.37
CA LEU A 442 19.20 3.26 10.38
C LEU A 442 18.63 3.29 11.81
N LYS A 443 18.33 4.50 12.27
CA LYS A 443 17.86 4.74 13.64
C LYS A 443 16.39 5.16 13.68
N THR B 5 -1.34 -29.29 -6.81
CA THR B 5 -0.82 -27.90 -6.96
C THR B 5 -1.17 -27.03 -5.75
N ILE B 6 -2.47 -26.95 -5.43
CA ILE B 6 -2.94 -26.15 -4.29
C ILE B 6 -3.58 -27.04 -3.24
N ASP B 7 -3.40 -26.67 -1.97
CA ASP B 7 -4.00 -27.40 -0.85
C ASP B 7 -5.51 -27.42 -0.98
N THR B 8 -6.13 -28.56 -0.66
CA THR B 8 -7.57 -28.70 -0.77
C THR B 8 -8.24 -28.67 0.61
N ASP B 9 -7.43 -28.75 1.67
CA ASP B 9 -7.92 -28.80 3.04
C ASP B 9 -7.47 -27.61 3.87
N TYR B 10 -8.44 -26.92 4.46
CA TYR B 10 -8.21 -25.71 5.26
C TYR B 10 -8.96 -25.78 6.59
N ASP B 11 -8.55 -24.95 7.54
CA ASP B 11 -9.26 -24.80 8.81
C ASP B 11 -10.58 -24.05 8.62
N VAL B 12 -10.55 -22.99 7.80
CA VAL B 12 -11.73 -22.15 7.56
C VAL B 12 -11.79 -21.80 6.09
N ILE B 13 -13.00 -21.72 5.54
CA ILE B 13 -13.23 -21.10 4.23
C ILE B 13 -14.09 -19.84 4.42
N VAL B 14 -13.60 -18.72 3.93
CA VAL B 14 -14.36 -17.46 4.01
C VAL B 14 -14.82 -17.02 2.62
N LEU B 15 -16.09 -16.67 2.50
CA LEU B 15 -16.65 -16.24 1.22
C LEU B 15 -17.02 -14.75 1.25
N GLY B 16 -16.50 -14.02 0.25
CA GLY B 16 -16.74 -12.59 0.12
C GLY B 16 -15.64 -11.79 0.78
N THR B 17 -15.28 -10.66 0.17
CA THR B 17 -14.25 -9.79 0.74
C THR B 17 -14.81 -8.47 1.27
N GLY B 18 -16.09 -8.47 1.63
CA GLY B 18 -16.69 -7.37 2.38
C GLY B 18 -15.90 -7.20 3.66
N ILE B 19 -15.87 -5.98 4.19
CA ILE B 19 -15.03 -5.67 5.36
C ILE B 19 -15.18 -6.65 6.54
N THR B 20 -16.42 -7.07 6.83
CA THR B 20 -16.69 -7.98 7.96
C THR B 20 -15.96 -9.32 7.78
N GLU B 21 -16.10 -9.89 6.58
CA GLU B 21 -15.38 -11.13 6.23
C GLU B 21 -13.86 -10.96 6.28
N CYS B 22 -13.37 -9.84 5.76
CA CYS B 22 -11.94 -9.55 5.75
C CYS B 22 -11.32 -9.49 7.14
N ILE B 23 -12.03 -8.86 8.07
CA ILE B 23 -11.52 -8.75 9.45
C ILE B 23 -11.48 -10.11 10.13
N LEU B 24 -12.55 -10.88 9.99
CA LEU B 24 -12.61 -12.24 10.54
C LEU B 24 -11.54 -13.13 9.91
N SER B 25 -11.36 -13.03 8.61
CA SER B 25 -10.33 -13.80 7.91
C SER B 25 -8.95 -13.48 8.50
N GLY B 26 -8.69 -12.18 8.67
CA GLY B 26 -7.47 -11.70 9.29
C GLY B 26 -7.27 -12.20 10.71
N LEU B 27 -8.33 -12.13 11.52
CA LEU B 27 -8.28 -12.55 12.93
C LEU B 27 -7.97 -14.03 13.07
N LEU B 28 -8.57 -14.83 12.20
CA LEU B 28 -8.36 -16.27 12.18
C LEU B 28 -6.96 -16.64 11.68
N SER B 29 -6.47 -15.95 10.65
CA SER B 29 -5.10 -16.14 10.18
C SER B 29 -4.09 -15.83 11.29
N VAL B 30 -4.39 -14.79 12.07
CA VAL B 30 -3.57 -14.40 13.22
C VAL B 30 -3.67 -15.41 14.37
N ASP B 31 -4.78 -16.13 14.42
CA ASP B 31 -4.99 -17.19 15.42
C ASP B 31 -4.21 -18.46 15.11
N GLY B 32 -3.52 -18.47 13.98
CA GLY B 32 -2.74 -19.63 13.54
C GLY B 32 -3.48 -20.53 12.58
N LYS B 33 -4.75 -20.20 12.34
CA LYS B 33 -5.60 -21.00 11.45
C LYS B 33 -5.22 -20.79 9.99
N LYS B 34 -5.45 -21.83 9.19
CA LYS B 34 -5.15 -21.80 7.76
C LYS B 34 -6.46 -21.53 7.01
N VAL B 35 -6.56 -20.35 6.40
CA VAL B 35 -7.82 -19.94 5.78
C VAL B 35 -7.76 -19.80 4.27
N LEU B 36 -8.79 -20.31 3.60
CA LEU B 36 -9.00 -20.03 2.19
C LEU B 36 -10.10 -18.98 2.05
N HIS B 37 -9.78 -17.89 1.35
CA HIS B 37 -10.68 -16.76 1.20
C HIS B 37 -11.06 -16.63 -0.27
N ILE B 38 -12.33 -16.87 -0.56
CA ILE B 38 -12.83 -16.85 -1.94
C ILE B 38 -13.82 -15.72 -2.12
N ASP B 39 -13.83 -15.16 -3.33
CA ASP B 39 -14.82 -14.18 -3.74
C ASP B 39 -15.26 -14.48 -5.16
N LYS B 40 -16.57 -14.45 -5.38
CA LYS B 40 -17.14 -14.68 -6.72
C LYS B 40 -16.96 -13.48 -7.65
N GLN B 41 -16.60 -12.33 -7.07
CA GLN B 41 -16.41 -11.10 -7.83
C GLN B 41 -14.94 -10.87 -8.16
N ASP B 42 -14.68 -10.07 -9.20
CA ASP B 42 -13.33 -9.75 -9.65
C ASP B 42 -12.65 -8.67 -8.79
N HIS B 43 -13.44 -8.02 -7.95
CA HIS B 43 -12.97 -6.89 -7.15
C HIS B 43 -13.21 -7.12 -5.67
N TYR B 44 -12.54 -6.32 -4.84
CA TYR B 44 -12.71 -6.36 -3.39
C TYR B 44 -13.97 -5.62 -2.94
N GLY B 45 -14.47 -5.99 -1.76
CA GLY B 45 -15.48 -5.19 -1.08
C GLY B 45 -16.86 -5.80 -0.88
N GLY B 46 -17.13 -6.90 -1.58
CA GLY B 46 -18.42 -7.58 -1.48
C GLY B 46 -19.57 -6.66 -1.86
N GLU B 47 -20.46 -6.41 -0.90
CA GLU B 47 -21.61 -5.54 -1.12
C GLU B 47 -21.28 -4.08 -0.81
N ALA B 48 -20.02 -3.82 -0.42
CA ALA B 48 -19.57 -2.49 -0.02
C ALA B 48 -18.21 -2.18 -0.67
N ALA B 49 -18.19 -2.23 -1.99
CA ALA B 49 -16.96 -2.02 -2.76
C ALA B 49 -16.62 -0.54 -2.90
N SER B 50 -15.34 -0.28 -3.13
CA SER B 50 -14.87 1.04 -3.54
C SER B 50 -14.87 1.08 -5.06
N VAL B 51 -15.43 2.14 -5.64
CA VAL B 51 -15.52 2.26 -7.10
C VAL B 51 -14.93 3.57 -7.64
N THR B 52 -14.49 3.55 -8.91
CA THR B 52 -14.08 4.78 -9.60
C THR B 52 -15.34 5.53 -10.00
N LEU B 53 -15.17 6.79 -10.42
CA LEU B 53 -16.32 7.62 -10.79
C LEU B 53 -17.12 7.10 -12.00
N SER B 54 -16.42 6.65 -13.05
CA SER B 54 -17.12 6.07 -14.20
C SER B 54 -17.93 4.83 -13.79
N GLN B 55 -17.32 3.96 -12.99
CA GLN B 55 -18.04 2.81 -12.43
C GLN B 55 -19.28 3.27 -11.65
N LEU B 56 -19.12 4.36 -10.91
CA LEU B 56 -20.23 4.92 -10.15
C LEU B 56 -21.37 5.32 -11.08
N TYR B 57 -21.03 6.03 -12.16
CA TYR B 57 -22.00 6.36 -13.23
C TYR B 57 -22.66 5.12 -13.83
N GLU B 58 -21.84 4.15 -14.24
CA GLU B 58 -22.35 2.87 -14.77
C GLU B 58 -23.33 2.18 -13.81
N LYS B 59 -22.98 2.16 -12.52
CA LYS B 59 -23.78 1.47 -11.52
C LYS B 59 -25.11 2.17 -11.25
N PHE B 60 -25.12 3.50 -11.29
CA PHE B 60 -26.27 4.26 -10.79
C PHE B 60 -27.12 5.00 -11.82
N LYS B 61 -26.51 5.32 -12.97
CA LYS B 61 -27.18 6.15 -13.97
C LYS B 61 -27.61 5.35 -15.20
N GLN B 62 -28.85 5.58 -15.63
CA GLN B 62 -29.41 4.90 -16.80
C GLN B 62 -28.59 5.19 -18.04
N ASN B 63 -28.31 6.47 -18.28
CA ASN B 63 -27.42 6.89 -19.36
C ASN B 63 -26.26 7.74 -18.85
N PRO B 64 -25.14 7.07 -18.48
CA PRO B 64 -23.95 7.75 -17.98
C PRO B 64 -23.33 8.72 -18.99
N ILE B 65 -22.83 9.85 -18.49
CA ILE B 65 -22.17 10.85 -19.33
C ILE B 65 -20.91 10.30 -19.99
N SER B 66 -20.37 11.06 -20.95
CA SER B 66 -19.19 10.64 -21.70
C SER B 66 -17.91 10.93 -20.93
N LYS B 67 -16.84 10.23 -21.31
CA LYS B 67 -15.52 10.43 -20.73
C LYS B 67 -15.08 11.89 -20.84
N GLU B 68 -15.49 12.56 -21.91
CA GLU B 68 -15.13 13.94 -22.18
C GLU B 68 -15.73 14.89 -21.14
N GLU B 69 -17.05 14.78 -20.92
CA GLU B 69 -17.75 15.62 -19.96
C GLU B 69 -17.29 15.33 -18.53
N ARG B 70 -17.23 14.04 -18.19
CA ARG B 70 -16.84 13.60 -16.86
C ARG B 70 -15.46 14.09 -16.45
N GLU B 71 -14.47 13.88 -17.31
CA GLU B 71 -13.09 14.27 -17.02
C GLU B 71 -12.85 15.78 -17.02
N SER B 72 -13.72 16.52 -17.69
CA SER B 72 -13.64 17.99 -17.67
C SER B 72 -14.31 18.56 -16.44
N LYS B 73 -15.35 17.88 -15.97
CA LYS B 73 -16.08 18.29 -14.77
C LYS B 73 -15.44 17.80 -13.47
N PHE B 74 -14.90 16.59 -13.49
CA PHE B 74 -14.49 15.90 -12.27
C PHE B 74 -13.06 15.35 -12.25
N GLY B 75 -12.37 15.42 -13.38
CA GLY B 75 -10.99 14.94 -13.46
C GLY B 75 -10.89 13.46 -13.77
N LYS B 76 -9.73 12.88 -13.48
CA LYS B 76 -9.46 11.50 -13.88
C LYS B 76 -9.88 10.47 -12.82
N ASP B 77 -10.37 9.33 -13.30
CA ASP B 77 -10.81 8.20 -12.47
C ASP B 77 -9.79 7.76 -11.41
N ARG B 78 -8.50 7.92 -11.73
CA ARG B 78 -7.40 7.59 -10.81
C ARG B 78 -7.49 8.31 -9.46
N ASP B 79 -8.16 9.46 -9.47
CA ASP B 79 -8.30 10.29 -8.27
C ASP B 79 -9.54 9.92 -7.44
N TRP B 80 -10.39 9.06 -8.00
CA TRP B 80 -11.67 8.73 -7.39
C TRP B 80 -11.71 7.34 -6.81
N ASN B 81 -11.88 7.28 -5.48
CA ASN B 81 -12.03 6.04 -4.74
C ASN B 81 -13.29 6.17 -3.91
N VAL B 82 -14.43 5.91 -4.54
CA VAL B 82 -15.73 6.13 -3.91
C VAL B 82 -16.23 4.86 -3.24
N ASP B 83 -16.19 4.85 -1.91
CA ASP B 83 -16.76 3.76 -1.14
C ASP B 83 -18.27 3.80 -1.26
N LEU B 84 -18.86 2.67 -1.61
CA LEU B 84 -20.32 2.56 -1.68
C LEU B 84 -20.97 2.74 -0.31
N ILE B 85 -20.31 2.24 0.74
CA ILE B 85 -20.81 2.37 2.12
C ILE B 85 -19.67 2.85 3.01
N PRO B 86 -19.38 4.17 2.97
CA PRO B 86 -18.30 4.70 3.79
C PRO B 86 -18.72 4.84 5.24
N LYS B 87 -17.87 4.40 6.16
CA LYS B 87 -18.10 4.57 7.58
C LYS B 87 -16.83 5.04 8.27
N PHE B 88 -17.01 5.86 9.29
CA PHE B 88 -15.91 6.36 10.10
C PHE B 88 -15.58 5.46 11.29
N LEU B 89 -14.32 5.50 11.68
CA LEU B 89 -13.79 4.72 12.78
C LEU B 89 -13.63 5.61 14.00
N MET B 90 -14.17 5.18 15.13
CA MET B 90 -13.95 5.84 16.42
C MET B 90 -12.49 5.59 16.82
N ALA B 91 -11.70 6.66 16.90
CA ALA B 91 -10.24 6.54 17.06
C ALA B 91 -9.79 5.64 18.22
N ASN B 92 -10.40 5.81 19.39
CA ASN B 92 -10.09 4.96 20.55
C ASN B 92 -11.02 3.75 20.68
N GLY B 93 -11.88 3.53 19.70
CA GLY B 93 -12.85 2.45 19.77
C GLY B 93 -12.28 1.05 19.64
N GLU B 94 -13.13 0.05 19.83
CA GLU B 94 -12.76 -1.36 19.77
C GLU B 94 -12.20 -1.83 18.44
N LEU B 95 -12.74 -1.31 17.34
CA LEU B 95 -12.30 -1.73 16.03
C LEU B 95 -10.86 -1.32 15.72
N THR B 96 -10.44 -0.13 16.17
CA THR B 96 -9.05 0.28 15.97
C THR B 96 -8.13 -0.74 16.61
N ASN B 97 -8.40 -1.10 17.86
CA ASN B 97 -7.63 -2.11 18.57
C ASN B 97 -7.68 -3.47 17.87
N ILE B 98 -8.84 -3.81 17.32
CA ILE B 98 -8.99 -5.05 16.54
C ILE B 98 -8.15 -5.00 15.26
N LEU B 99 -8.24 -3.89 14.53
CA LEU B 99 -7.41 -3.69 13.33
C LEU B 99 -5.90 -3.74 13.66
N ILE B 100 -5.51 -3.10 14.75
CA ILE B 100 -4.11 -3.14 15.23
C ILE B 100 -3.66 -4.57 15.54
N HIS B 101 -4.50 -5.32 16.26
CA HIS B 101 -4.28 -6.74 16.54
C HIS B 101 -4.00 -7.56 15.29
N THR B 102 -4.77 -7.34 14.22
CA THR B 102 -4.60 -8.07 12.97
C THR B 102 -3.33 -7.66 12.23
N ASP B 103 -2.80 -6.49 12.58
CA ASP B 103 -1.63 -5.89 11.93
C ASP B 103 -1.91 -5.37 10.51
N VAL B 104 -3.19 -5.36 10.12
CA VAL B 104 -3.60 -4.76 8.83
C VAL B 104 -3.22 -3.27 8.81
N THR B 105 -3.07 -2.68 9.99
CA THR B 105 -2.68 -1.29 10.15
C THR B 105 -1.28 -0.96 9.61
N ARG B 106 -0.50 -2.00 9.31
CA ARG B 106 0.82 -1.85 8.70
C ARG B 106 0.75 -1.49 7.21
N TYR B 107 -0.43 -1.64 6.60
CA TYR B 107 -0.58 -1.39 5.16
C TYR B 107 -1.56 -0.26 4.84
N VAL B 108 -2.13 0.34 5.88
CA VAL B 108 -3.24 1.27 5.74
C VAL B 108 -2.98 2.50 6.59
N ASP B 109 -3.21 3.67 6.00
CA ASP B 109 -3.06 4.93 6.70
C ASP B 109 -4.42 5.50 7.05
N PHE B 110 -4.62 5.76 8.34
CA PHE B 110 -5.84 6.42 8.79
C PHE B 110 -5.56 7.90 9.02
N LYS B 111 -6.41 8.75 8.45
CA LYS B 111 -6.34 10.18 8.68
C LYS B 111 -7.58 10.64 9.43
N GLN B 112 -7.37 11.59 10.32
CA GLN B 112 -8.44 12.14 11.14
C GLN B 112 -9.45 12.92 10.31
N VAL B 113 -10.73 12.65 10.58
CA VAL B 113 -11.85 13.40 10.01
C VAL B 113 -11.91 14.77 10.68
N SER B 114 -12.14 15.82 9.91
CA SER B 114 -11.91 17.18 10.41
C SER B 114 -12.93 17.72 11.40
N GLY B 115 -14.16 17.22 11.34
CA GLY B 115 -15.22 17.73 12.18
C GLY B 115 -16.30 16.72 12.51
N SER B 116 -17.11 17.07 13.50
CA SER B 116 -18.19 16.23 13.96
C SER B 116 -19.36 17.15 14.28
N TYR B 117 -20.48 16.92 13.61
CA TYR B 117 -21.59 17.86 13.65
C TYR B 117 -22.92 17.19 13.98
N VAL B 118 -23.85 18.01 14.46
CA VAL B 118 -25.19 17.59 14.80
C VAL B 118 -26.20 18.65 14.30
N PHE B 119 -27.36 18.15 13.86
CA PHE B 119 -28.43 18.95 13.27
C PHE B 119 -29.42 19.38 14.35
N LYS B 120 -29.80 20.65 14.29
CA LYS B 120 -30.80 21.22 15.21
C LYS B 120 -31.59 22.29 14.47
N GLN B 121 -32.88 22.02 14.25
CA GLN B 121 -33.82 22.95 13.61
C GLN B 121 -33.27 23.61 12.34
N GLY B 122 -32.90 22.78 11.37
CA GLY B 122 -32.45 23.27 10.07
C GLY B 122 -30.99 23.69 9.96
N LYS B 123 -30.26 23.67 11.08
CA LYS B 123 -28.84 24.07 11.09
C LYS B 123 -27.96 22.99 11.69
N ILE B 124 -26.70 22.96 11.27
CA ILE B 124 -25.73 22.04 11.87
C ILE B 124 -24.73 22.78 12.77
N TYR B 125 -24.31 22.10 13.82
CA TYR B 125 -23.41 22.67 14.83
C TYR B 125 -22.32 21.66 15.18
N LYS B 126 -21.15 22.17 15.54
CA LYS B 126 -20.09 21.34 16.10
C LYS B 126 -20.56 20.66 17.38
N VAL B 127 -20.32 19.37 17.48
CA VAL B 127 -20.56 18.64 18.72
C VAL B 127 -19.46 19.04 19.72
N PRO B 128 -19.85 19.70 20.84
CA PRO B 128 -18.81 20.14 21.79
C PRO B 128 -18.30 18.98 22.63
N ALA B 129 -16.98 18.75 22.59
CA ALA B 129 -16.37 17.59 23.26
C ALA B 129 -15.46 17.99 24.45
N ASN B 130 -15.36 19.28 24.72
CA ASN B 130 -14.65 19.77 25.90
C ASN B 130 -15.27 21.03 26.47
N GLU B 131 -14.70 21.49 27.59
CA GLU B 131 -15.25 22.60 28.38
C GLU B 131 -15.25 23.92 27.61
N ILE B 132 -14.14 24.17 26.91
CA ILE B 132 -14.01 25.34 26.05
C ILE B 132 -15.03 25.31 24.92
N GLU B 133 -15.24 24.13 24.33
CA GLU B 133 -16.21 23.99 23.26
C GLU B 133 -17.65 24.16 23.74
N ALA B 134 -17.92 23.64 24.94
CA ALA B 134 -19.22 23.75 25.58
C ALA B 134 -19.59 25.20 25.87
N ILE B 135 -18.64 25.95 26.40
CA ILE B 135 -18.85 27.37 26.72
C ILE B 135 -18.99 28.23 25.46
N SER B 136 -18.54 27.70 24.33
CA SER B 136 -18.61 28.45 23.08
C SER B 136 -19.74 27.99 22.16
N SER B 137 -20.45 26.93 22.54
CA SER B 137 -21.42 26.31 21.64
C SER B 137 -22.77 27.04 21.52
N PRO B 138 -23.12 27.48 20.29
CA PRO B 138 -24.45 28.03 19.99
C PRO B 138 -25.58 27.00 20.07
N LEU B 139 -25.24 25.73 20.30
CA LEU B 139 -26.23 24.69 20.58
C LEU B 139 -27.03 24.95 21.85
N MET B 140 -26.45 25.72 22.76
CA MET B 140 -27.01 25.87 24.09
C MET B 140 -27.14 27.32 24.53
N GLY B 141 -28.16 27.60 25.34
CA GLY B 141 -28.34 28.90 25.98
C GLY B 141 -27.25 29.16 26.99
N ILE B 142 -27.26 30.35 27.58
CA ILE B 142 -26.18 30.78 28.46
C ILE B 142 -26.00 29.84 29.67
N PHE B 143 -27.09 29.48 30.33
CA PHE B 143 -26.99 28.62 31.52
C PHE B 143 -26.73 27.15 31.16
N GLU B 144 -27.33 26.67 30.07
CA GLU B 144 -27.11 25.31 29.56
C GLU B 144 -25.64 24.99 29.29
N LYS B 145 -24.96 25.92 28.62
CA LYS B 145 -23.53 25.82 28.37
C LYS B 145 -22.75 25.45 29.63
N ARG B 146 -23.06 26.16 30.72
CA ARG B 146 -22.37 25.99 32.00
C ARG B 146 -22.70 24.63 32.64
N ARG B 147 -23.92 24.16 32.46
CA ARG B 147 -24.28 22.80 32.87
C ARG B 147 -23.50 21.76 32.06
N MET B 148 -23.35 22.00 30.76
CA MET B 148 -22.60 21.11 29.88
C MET B 148 -21.12 21.05 30.25
N LYS B 149 -20.54 22.20 30.55
CA LYS B 149 -19.17 22.25 31.05
C LYS B 149 -19.00 21.35 32.29
N LYS B 150 -19.95 21.46 33.22
CA LYS B 150 -19.98 20.65 34.45
C LYS B 150 -20.16 19.15 34.23
N PHE B 151 -21.06 18.80 33.31
CA PHE B 151 -21.26 17.43 32.86
C PHE B 151 -19.97 16.80 32.29
N LEU B 152 -19.30 17.52 31.39
CA LEU B 152 -18.06 17.02 30.79
C LEU B 152 -16.89 16.99 31.77
N GLU B 153 -16.84 17.96 32.69
CA GLU B 153 -15.95 17.90 33.84
C GLU B 153 -16.15 16.58 34.61
N TRP B 154 -17.41 16.24 34.87
CA TRP B 154 -17.76 15.00 35.57
C TRP B 154 -17.36 13.75 34.78
N ILE B 155 -17.63 13.74 33.48
CA ILE B 155 -17.22 12.63 32.61
C ILE B 155 -15.73 12.35 32.73
N SER B 156 -14.94 13.43 32.76
CA SER B 156 -13.48 13.34 32.81
C SER B 156 -12.89 13.08 34.20
N SER B 157 -13.56 13.56 35.26
CA SER B 157 -13.03 13.46 36.61
C SER B 157 -13.50 12.20 37.36
N TYR B 158 -14.56 11.57 36.85
CA TYR B 158 -15.11 10.37 37.44
C TYR B 158 -14.07 9.26 37.55
N LYS B 159 -14.01 8.64 38.73
CA LYS B 159 -13.25 7.42 38.96
C LYS B 159 -14.13 6.47 39.76
N GLU B 160 -14.25 5.23 39.30
CA GLU B 160 -14.99 4.21 40.04
C GLU B 160 -14.59 4.17 41.50
N ASP B 161 -13.28 4.25 41.74
CA ASP B 161 -12.65 4.06 43.05
C ASP B 161 -12.73 5.28 43.96
N ASP B 162 -13.09 6.42 43.40
CA ASP B 162 -13.06 7.67 44.14
C ASP B 162 -14.50 8.12 44.28
N LEU B 163 -15.10 7.79 45.41
CA LEU B 163 -16.52 8.02 45.64
C LEU B 163 -16.95 9.48 45.42
N SER B 164 -16.13 10.42 45.87
CA SER B 164 -16.45 11.85 45.73
C SER B 164 -16.65 12.25 44.27
N THR B 165 -15.82 11.74 43.38
CA THR B 165 -15.89 12.08 41.95
C THR B 165 -17.23 11.69 41.28
N HIS B 166 -17.99 10.81 41.93
CA HIS B 166 -19.28 10.34 41.40
C HIS B 166 -20.36 11.43 41.49
N GLN B 167 -20.13 12.41 42.36
CA GLN B 167 -21.07 13.52 42.60
C GLN B 167 -22.49 13.03 42.91
N GLY B 168 -22.57 12.01 43.78
CA GLY B 168 -23.85 11.45 44.22
C GLY B 168 -24.59 10.59 43.22
N LEU B 169 -23.97 10.31 42.07
CA LEU B 169 -24.61 9.45 41.07
C LEU B 169 -24.04 8.05 41.14
N ASP B 170 -24.86 7.07 40.79
CA ASP B 170 -24.47 5.68 40.75
C ASP B 170 -24.75 5.14 39.34
N LEU B 171 -23.68 4.79 38.65
CA LEU B 171 -23.76 4.41 37.22
C LEU B 171 -24.55 3.14 36.95
N ASP B 172 -24.69 2.30 37.97
CA ASP B 172 -25.45 1.06 37.84
C ASP B 172 -26.89 1.24 38.27
N LYS B 173 -27.10 2.09 39.27
CA LYS B 173 -28.43 2.27 39.86
C LYS B 173 -29.24 3.41 39.26
N ASN B 174 -28.57 4.48 38.84
CA ASN B 174 -29.25 5.57 38.13
C ASN B 174 -29.35 5.32 36.62
N THR B 175 -30.48 5.69 36.04
CA THR B 175 -30.61 5.74 34.59
C THR B 175 -29.82 6.95 34.03
N MET B 176 -29.67 7.02 32.70
CA MET B 176 -29.04 8.18 32.10
C MET B 176 -29.93 9.42 32.25
N ASP B 177 -31.25 9.22 32.21
CA ASP B 177 -32.17 10.34 32.40
C ASP B 177 -31.99 10.98 33.79
N GLU B 178 -31.69 10.15 34.80
CA GLU B 178 -31.41 10.65 36.14
C GLU B 178 -30.08 11.39 36.25
N VAL B 179 -29.08 10.94 35.49
CA VAL B 179 -27.81 11.64 35.34
C VAL B 179 -28.03 13.02 34.72
N TYR B 180 -28.78 13.05 33.62
CA TYR B 180 -29.18 14.29 32.97
C TYR B 180 -29.91 15.24 33.93
N TYR B 181 -30.90 14.71 34.66
CA TYR B 181 -31.63 15.47 35.70
C TYR B 181 -30.71 16.16 36.71
N LYS B 182 -29.78 15.40 37.27
CA LYS B 182 -28.84 15.93 38.27
C LYS B 182 -28.11 17.19 37.74
N PHE B 183 -27.67 17.14 36.47
CA PHE B 183 -26.91 18.24 35.88
C PHE B 183 -27.77 19.35 35.28
N GLY B 184 -29.06 19.07 35.13
CA GLY B 184 -30.03 20.07 34.69
C GLY B 184 -30.18 20.21 33.18
N LEU B 185 -29.85 19.15 32.44
CA LEU B 185 -29.77 19.24 30.99
C LEU B 185 -31.13 19.18 30.35
N GLY B 186 -31.40 20.15 29.48
CA GLY B 186 -32.64 20.23 28.73
C GLY B 186 -32.69 19.14 27.68
N ASN B 187 -33.89 18.90 27.15
CA ASN B 187 -34.10 17.78 26.22
C ASN B 187 -33.25 17.85 24.95
N SER B 188 -33.00 19.07 24.45
CA SER B 188 -32.20 19.24 23.23
C SER B 188 -30.72 18.98 23.44
N THR B 189 -30.23 19.24 24.66
CA THR B 189 -28.86 18.92 25.04
C THR B 189 -28.67 17.42 25.14
N LYS B 190 -29.63 16.76 25.77
CA LYS B 190 -29.51 15.33 25.94
C LYS B 190 -29.66 14.57 24.62
N GLU B 191 -30.40 15.16 23.68
CA GLU B 191 -30.51 14.60 22.34
C GLU B 191 -29.16 14.56 21.62
N PHE B 192 -28.40 15.67 21.63
CA PHE B 192 -27.11 15.66 20.96
C PHE B 192 -26.07 14.82 21.70
N ILE B 193 -26.18 14.76 23.03
CA ILE B 193 -25.31 13.88 23.81
C ILE B 193 -25.60 12.41 23.48
N GLY B 194 -26.87 12.04 23.52
CA GLY B 194 -27.26 10.65 23.29
C GLY B 194 -27.00 10.17 21.87
N HIS B 195 -27.43 10.97 20.89
CA HIS B 195 -27.34 10.61 19.49
C HIS B 195 -25.98 10.89 18.84
N ALA B 196 -25.30 11.94 19.27
CA ALA B 196 -24.09 12.40 18.61
C ALA B 196 -22.78 12.22 19.42
N MET B 197 -22.88 11.91 20.71
CA MET B 197 -21.69 11.60 21.51
C MET B 197 -21.64 10.12 21.94
N ALA B 198 -22.71 9.66 22.61
CA ALA B 198 -22.87 8.25 22.99
C ALA B 198 -23.23 7.38 21.77
N LEU B 199 -23.77 8.04 20.74
CA LEU B 199 -24.06 7.42 19.45
C LEU B 199 -25.16 6.37 19.50
N TRP B 200 -26.10 6.53 20.43
CA TRP B 200 -27.32 5.72 20.45
C TRP B 200 -28.21 6.06 19.22
N THR B 201 -28.97 5.08 18.75
CA THR B 201 -29.82 5.26 17.57
C THR B 201 -31.26 5.65 17.92
N ASN B 202 -31.56 5.64 19.23
CA ASN B 202 -32.89 6.00 19.73
C ASN B 202 -32.78 6.44 21.18
N ASP B 203 -33.91 6.72 21.80
CA ASP B 203 -33.93 7.29 23.14
C ASP B 203 -34.15 6.28 24.27
N ASP B 204 -34.08 4.99 23.96
CA ASP B 204 -34.23 3.91 24.96
C ASP B 204 -33.26 4.00 26.13
N TYR B 205 -32.04 4.48 25.88
CA TYR B 205 -30.99 4.57 26.89
C TYR B 205 -31.39 5.45 28.07
N LEU B 206 -32.34 6.34 27.84
CA LEU B 206 -32.83 7.24 28.89
C LEU B 206 -33.29 6.49 30.14
N GLN B 207 -34.06 5.43 29.95
CA GLN B 207 -34.60 4.67 31.07
C GLN B 207 -33.75 3.45 31.43
N GLN B 208 -32.52 3.41 30.91
CA GLN B 208 -31.58 2.31 31.13
C GLN B 208 -30.43 2.80 32.01
N PRO B 209 -29.78 1.88 32.77
CA PRO B 209 -28.62 2.25 33.60
C PRO B 209 -27.62 3.16 32.85
N ALA B 210 -27.00 4.08 33.57
CA ALA B 210 -26.16 5.09 32.96
C ALA B 210 -24.82 4.57 32.47
N ARG B 211 -24.29 3.53 33.12
CA ARG B 211 -22.93 3.08 32.86
C ARG B 211 -22.54 2.95 31.36
N PRO B 212 -23.32 2.20 30.54
CA PRO B 212 -23.00 2.12 29.11
C PRO B 212 -22.93 3.48 28.41
N SER B 213 -23.90 4.36 28.70
CA SER B 213 -23.92 5.73 28.18
C SER B 213 -22.70 6.53 28.63
N PHE B 214 -22.37 6.45 29.92
CA PHE B 214 -21.18 7.10 30.45
C PHE B 214 -19.92 6.65 29.69
N GLU B 215 -19.81 5.35 29.48
CA GLU B 215 -18.62 4.78 28.82
C GLU B 215 -18.44 5.29 27.39
N ARG B 216 -19.53 5.31 26.62
CA ARG B 216 -19.50 5.78 25.23
C ARG B 216 -19.18 7.27 25.12
N ILE B 217 -19.71 8.07 26.04
CA ILE B 217 -19.48 9.51 26.06
C ILE B 217 -18.02 9.80 26.41
N LEU B 218 -17.50 9.09 27.41
CA LEU B 218 -16.09 9.15 27.76
C LEU B 218 -15.23 8.81 26.55
N LEU B 219 -15.55 7.67 25.93
CA LEU B 219 -14.86 7.15 24.73
C LEU B 219 -14.79 8.22 23.64
N TYR B 220 -15.94 8.86 23.40
CA TYR B 220 -16.05 9.93 22.41
C TYR B 220 -15.11 11.09 22.74
N CYS B 221 -15.15 11.54 24.00
CA CYS B 221 -14.36 12.69 24.42
C CYS B 221 -12.85 12.42 24.36
N GLN B 222 -12.45 11.21 24.77
CA GLN B 222 -11.04 10.77 24.72
C GLN B 222 -10.56 10.62 23.29
N SER B 223 -11.45 10.16 22.40
CA SER B 223 -11.12 10.01 20.98
C SER B 223 -10.90 11.35 20.27
N VAL B 224 -11.68 12.39 20.62
CA VAL B 224 -11.46 13.74 20.12
C VAL B 224 -10.11 14.30 20.61
N ALA B 225 -9.84 14.14 21.90
CA ALA B 225 -8.63 14.72 22.51
C ALA B 225 -7.34 14.12 21.97
N ARG B 226 -7.42 12.86 21.51
CA ARG B 226 -6.28 12.16 20.94
C ARG B 226 -5.60 12.97 19.83
N TYR B 227 -6.34 13.33 18.79
CA TYR B 227 -5.78 14.07 17.66
C TYR B 227 -6.27 15.51 17.53
N GLY B 228 -7.37 15.84 18.21
CA GLY B 228 -7.81 17.24 18.33
C GLY B 228 -9.07 17.69 17.59
N LYS B 229 -9.32 17.12 16.41
CA LYS B 229 -10.35 17.65 15.50
C LYS B 229 -11.73 17.01 15.66
N SER B 230 -11.77 15.68 15.70
CA SER B 230 -13.01 14.91 15.86
C SER B 230 -12.58 13.56 16.40
N PRO B 231 -13.55 12.71 16.81
CA PRO B 231 -13.17 11.40 17.34
C PRO B 231 -13.00 10.34 16.24
N TYR B 232 -13.11 10.75 14.98
CA TYR B 232 -13.24 9.86 13.83
C TYR B 232 -12.02 9.78 12.92
N LEU B 233 -11.75 8.56 12.45
CA LEU B 233 -10.71 8.27 11.46
C LEU B 233 -11.30 7.66 10.20
N TYR B 234 -10.61 7.89 9.08
CA TYR B 234 -11.00 7.36 7.78
C TYR B 234 -9.70 7.11 7.03
N PRO B 235 -9.61 6.01 6.27
CA PRO B 235 -8.32 5.68 5.63
C PRO B 235 -8.00 6.59 4.45
N MET B 236 -6.71 6.87 4.26
CA MET B 236 -6.25 7.49 3.03
C MET B 236 -6.63 6.57 1.86
N TYR B 237 -7.29 7.14 0.86
CA TYR B 237 -7.81 6.38 -0.30
C TYR B 237 -9.09 5.58 -0.01
N GLY B 238 -9.64 5.72 1.20
CA GLY B 238 -10.90 5.08 1.54
C GLY B 238 -10.82 3.63 1.94
N LEU B 239 -11.99 3.03 2.21
CA LEU B 239 -12.08 1.72 2.85
C LEU B 239 -11.57 0.56 1.98
N GLY B 240 -11.41 0.80 0.68
CA GLY B 240 -10.85 -0.18 -0.26
C GLY B 240 -9.44 -0.63 0.06
N GLU B 241 -8.74 0.16 0.88
CA GLU B 241 -7.38 -0.17 1.30
C GLU B 241 -7.35 -1.32 2.31
N LEU B 242 -8.48 -1.54 2.99
CA LEU B 242 -8.57 -2.60 4.02
C LEU B 242 -8.57 -4.03 3.46
N PRO B 243 -9.45 -4.32 2.47
CA PRO B 243 -9.39 -5.62 1.78
C PRO B 243 -8.02 -5.91 1.18
N GLN B 244 -7.43 -4.91 0.53
CA GLN B 244 -6.08 -5.01 -0.03
C GLN B 244 -5.06 -5.32 1.06
N GLY B 245 -5.18 -4.63 2.19
CA GLY B 245 -4.28 -4.85 3.32
C GLY B 245 -4.42 -6.23 3.92
N PHE B 246 -5.66 -6.71 4.01
CA PHE B 246 -5.95 -8.06 4.53
C PHE B 246 -5.50 -9.15 3.57
N ALA B 247 -5.63 -8.88 2.27
CA ALA B 247 -5.17 -9.79 1.22
C ALA B 247 -3.68 -9.98 1.29
N ARG B 248 -2.96 -8.89 1.52
CA ARG B 248 -1.52 -8.91 1.69
C ARG B 248 -1.14 -9.53 3.04
N LEU B 249 -2.01 -9.37 4.03
CA LEU B 249 -1.80 -9.96 5.36
C LEU B 249 -1.95 -11.48 5.32
N SER B 250 -2.84 -11.97 4.46
CA SER B 250 -3.11 -13.40 4.32
C SER B 250 -1.86 -14.18 3.93
N ALA B 251 -1.11 -13.63 2.98
CA ALA B 251 0.12 -14.23 2.49
C ALA B 251 1.13 -14.51 3.60
N ILE B 252 1.25 -13.58 4.55
CA ILE B 252 2.17 -13.71 5.69
C ILE B 252 1.81 -14.85 6.64
N TYR B 253 0.53 -15.23 6.68
CA TYR B 253 0.06 -16.29 7.58
C TYR B 253 -0.33 -17.58 6.84
N GLY B 254 0.13 -17.72 5.60
CA GLY B 254 -0.14 -18.91 4.80
C GLY B 254 -1.57 -19.02 4.31
N GLY B 255 -2.31 -17.92 4.38
CA GLY B 255 -3.68 -17.86 3.85
C GLY B 255 -3.66 -17.62 2.36
N THR B 256 -4.80 -17.83 1.72
CA THR B 256 -4.93 -17.67 0.28
C THR B 256 -6.21 -16.90 -0.08
N TYR B 257 -6.04 -15.77 -0.75
CA TYR B 257 -7.16 -15.01 -1.31
C TYR B 257 -7.39 -15.40 -2.77
N MET B 258 -8.66 -15.51 -3.15
CA MET B 258 -9.05 -15.95 -4.49
C MET B 258 -10.22 -15.16 -5.04
N LEU B 259 -9.93 -14.20 -5.91
CA LEU B 259 -10.98 -13.40 -6.54
C LEU B 259 -11.44 -14.07 -7.83
N ASP B 260 -12.46 -13.48 -8.47
CA ASP B 260 -13.03 -13.98 -9.73
C ASP B 260 -13.26 -15.50 -9.73
N THR B 261 -13.69 -16.03 -8.58
CA THR B 261 -13.94 -17.46 -8.43
C THR B 261 -15.36 -17.72 -7.92
N PRO B 262 -16.33 -17.89 -8.84
CA PRO B 262 -17.69 -18.26 -8.46
C PRO B 262 -17.79 -19.59 -7.71
N ILE B 263 -18.63 -19.63 -6.69
CA ILE B 263 -18.91 -20.89 -5.99
C ILE B 263 -20.00 -21.63 -6.77
N ASP B 264 -19.59 -22.69 -7.46
CA ASP B 264 -20.47 -23.46 -8.32
C ASP B 264 -21.43 -24.33 -7.51
N GLU B 265 -20.88 -24.98 -6.47
CA GLU B 265 -21.66 -25.82 -5.59
C GLU B 265 -21.11 -25.84 -4.16
N VAL B 266 -21.99 -25.61 -3.19
CA VAL B 266 -21.65 -25.73 -1.78
C VAL B 266 -21.85 -27.19 -1.36
N LEU B 267 -20.79 -27.77 -0.81
CA LEU B 267 -20.84 -29.16 -0.38
C LEU B 267 -21.22 -29.27 1.09
N TYR B 268 -22.17 -30.16 1.36
CA TYR B 268 -22.59 -30.49 2.71
C TYR B 268 -22.33 -31.96 2.98
N LYS B 269 -22.06 -32.28 4.24
CA LYS B 269 -21.92 -33.67 4.67
C LYS B 269 -23.25 -34.42 4.53
N LYS B 270 -23.24 -35.57 3.86
CA LYS B 270 -24.43 -36.38 3.64
C LYS B 270 -25.14 -36.72 4.96
N ASP B 271 -24.33 -37.11 5.94
CA ASP B 271 -24.80 -37.49 7.28
C ASP B 271 -25.52 -36.37 8.02
N THR B 272 -24.86 -35.21 8.15
CA THR B 272 -25.27 -34.18 9.11
C THR B 272 -25.88 -32.90 8.50
N GLY B 273 -25.68 -32.70 7.21
CA GLY B 273 -26.12 -31.47 6.55
C GLY B 273 -25.29 -30.26 6.95
N LYS B 274 -24.15 -30.52 7.59
CA LYS B 274 -23.21 -29.48 7.99
C LYS B 274 -22.37 -29.08 6.78
N PHE B 275 -21.61 -27.99 6.90
CA PHE B 275 -20.74 -27.55 5.83
C PHE B 275 -19.58 -28.53 5.62
N GLU B 276 -19.32 -28.85 4.35
CA GLU B 276 -18.21 -29.74 3.98
C GLU B 276 -17.10 -28.97 3.24
N GLY B 277 -17.50 -28.22 2.22
CA GLY B 277 -16.57 -27.48 1.37
C GLY B 277 -17.25 -26.85 0.17
N VAL B 278 -16.46 -26.43 -0.81
CA VAL B 278 -16.98 -25.73 -2.00
C VAL B 278 -16.43 -26.27 -3.32
N LYS B 279 -17.24 -26.17 -4.37
CA LYS B 279 -16.87 -26.55 -5.73
C LYS B 279 -16.58 -25.28 -6.54
N THR B 280 -15.35 -25.17 -7.04
CA THR B 280 -14.96 -24.04 -7.89
C THR B 280 -14.28 -24.50 -9.18
N LYS B 281 -14.03 -23.56 -10.08
CA LYS B 281 -13.31 -23.82 -11.32
C LYS B 281 -11.82 -24.05 -11.08
N LEU B 282 -11.38 -23.81 -9.85
CA LEU B 282 -10.01 -24.13 -9.43
C LEU B 282 -9.98 -25.45 -8.66
N GLY B 283 -11.10 -26.16 -8.67
CA GLY B 283 -11.21 -27.47 -8.02
C GLY B 283 -12.16 -27.45 -6.83
N THR B 284 -12.09 -28.51 -6.02
CA THR B 284 -12.96 -28.64 -4.86
C THR B 284 -12.17 -28.46 -3.55
N PHE B 285 -12.62 -27.51 -2.74
CA PHE B 285 -11.94 -27.16 -1.49
C PHE B 285 -12.78 -27.56 -0.30
N LYS B 286 -12.11 -27.86 0.82
CA LYS B 286 -12.77 -28.40 2.01
C LYS B 286 -12.31 -27.72 3.30
N ALA B 287 -13.26 -27.53 4.22
CA ALA B 287 -13.02 -26.98 5.55
C ALA B 287 -14.20 -27.32 6.46
N PRO B 288 -13.96 -27.43 7.79
CA PRO B 288 -15.06 -27.73 8.71
C PRO B 288 -16.04 -26.55 8.94
N LEU B 289 -15.63 -25.33 8.63
CA LEU B 289 -16.46 -24.13 8.80
C LEU B 289 -16.46 -23.24 7.57
N VAL B 290 -17.59 -22.57 7.34
CA VAL B 290 -17.64 -21.47 6.38
C VAL B 290 -18.15 -20.16 7.02
N ILE B 291 -17.47 -19.07 6.69
CA ILE B 291 -17.90 -17.71 7.05
C ILE B 291 -18.21 -16.96 5.76
N ALA B 292 -19.43 -16.42 5.65
CA ALA B 292 -19.86 -15.78 4.41
C ALA B 292 -20.86 -14.64 4.63
N ASP B 293 -21.12 -13.88 3.58
CA ASP B 293 -22.14 -12.82 3.63
C ASP B 293 -23.45 -13.33 3.03
N PRO B 294 -24.57 -12.62 3.29
CA PRO B 294 -25.88 -13.13 2.88
C PRO B 294 -26.03 -13.56 1.41
N THR B 295 -25.25 -12.97 0.51
CA THR B 295 -25.41 -13.23 -0.93
C THR B 295 -24.94 -14.64 -1.34
N TYR B 296 -24.17 -15.28 -0.48
CA TYR B 296 -23.67 -16.64 -0.72
C TYR B 296 -24.62 -17.73 -0.21
N PHE B 297 -25.47 -17.39 0.75
CA PHE B 297 -26.42 -18.33 1.34
C PHE B 297 -27.75 -17.65 1.64
N PRO B 298 -28.39 -17.02 0.62
CA PRO B 298 -29.62 -16.27 0.88
C PRO B 298 -30.77 -17.07 1.51
N GLU B 299 -30.75 -18.40 1.35
CA GLU B 299 -31.79 -19.27 1.89
C GLU B 299 -31.64 -19.40 3.40
N LYS B 300 -30.43 -19.13 3.88
CA LYS B 300 -30.07 -19.20 5.29
C LYS B 300 -30.16 -17.81 5.94
N CYS B 301 -30.65 -16.84 5.18
CA CYS B 301 -30.80 -15.47 5.68
C CYS B 301 -32.22 -14.97 5.54
N LYS B 302 -32.55 -13.94 6.31
CA LYS B 302 -33.89 -13.38 6.32
C LYS B 302 -33.80 -11.86 6.41
N SER B 303 -34.79 -11.20 5.83
CA SER B 303 -34.88 -9.75 5.88
C SER B 303 -35.12 -9.32 7.31
N THR B 304 -34.54 -8.18 7.67
CA THR B 304 -34.78 -7.55 8.97
C THR B 304 -36.05 -6.73 8.88
N GLY B 305 -36.52 -6.53 7.65
CA GLY B 305 -37.62 -5.63 7.36
C GLY B 305 -37.14 -4.23 7.01
N GLN B 306 -35.83 -4.01 7.13
CA GLN B 306 -35.24 -2.68 6.93
C GLN B 306 -34.71 -2.46 5.52
N ARG B 307 -35.01 -1.30 4.97
CA ARG B 307 -34.34 -0.85 3.76
C ARG B 307 -33.57 0.46 4.02
N VAL B 308 -32.36 0.54 3.47
CA VAL B 308 -31.54 1.75 3.58
C VAL B 308 -31.47 2.49 2.25
N ILE B 309 -31.74 3.79 2.30
CA ILE B 309 -31.44 4.65 1.17
C ILE B 309 -30.07 5.31 1.39
N ARG B 310 -29.20 5.18 0.39
CA ARG B 310 -27.93 5.89 0.40
C ARG B 310 -27.83 6.78 -0.82
N ALA B 311 -27.52 8.05 -0.59
CA ALA B 311 -27.28 9.01 -1.65
C ALA B 311 -25.85 9.51 -1.55
N ILE B 312 -25.01 9.09 -2.51
CA ILE B 312 -23.66 9.64 -2.68
C ILE B 312 -23.73 10.92 -3.51
N CYS B 313 -23.38 12.04 -2.91
CA CYS B 313 -23.45 13.35 -3.56
C CYS B 313 -22.06 13.93 -3.84
N ILE B 314 -21.90 14.50 -5.03
CA ILE B 314 -20.66 15.22 -5.37
C ILE B 314 -20.94 16.72 -5.27
N LEU B 315 -20.06 17.41 -4.53
CA LEU B 315 -20.10 18.86 -4.45
C LEU B 315 -18.79 19.42 -4.98
N ASN B 316 -18.79 20.68 -5.40
CA ASN B 316 -17.54 21.35 -5.81
C ASN B 316 -17.18 22.50 -4.89
N HIS B 317 -17.68 22.42 -3.66
CA HIS B 317 -17.44 23.41 -2.62
C HIS B 317 -17.62 22.72 -1.25
N PRO B 318 -17.03 23.28 -0.18
CA PRO B 318 -17.21 22.73 1.17
C PRO B 318 -18.67 22.74 1.58
N VAL B 319 -19.05 21.92 2.56
CA VAL B 319 -20.39 21.97 3.12
C VAL B 319 -20.55 23.28 3.91
N PRO B 320 -21.64 24.03 3.66
CA PRO B 320 -21.91 25.27 4.38
C PRO B 320 -21.90 25.10 5.89
N ASN B 321 -21.33 26.08 6.58
CA ASN B 321 -21.30 26.16 8.04
C ASN B 321 -20.44 25.07 8.70
N THR B 322 -19.40 24.65 7.99
CA THR B 322 -18.44 23.70 8.52
C THR B 322 -17.02 24.25 8.55
N SER B 323 -16.87 25.58 8.52
CA SER B 323 -15.56 26.24 8.45
C SER B 323 -14.63 25.60 7.41
N ASN B 324 -15.17 25.36 6.21
CA ASN B 324 -14.43 24.75 5.09
C ASN B 324 -13.78 23.40 5.40
N ALA B 325 -14.44 22.59 6.23
CA ALA B 325 -13.89 21.30 6.64
C ALA B 325 -13.68 20.41 5.42
N ASP B 326 -12.58 19.68 5.42
CA ASP B 326 -12.29 18.71 4.37
C ASP B 326 -13.03 17.38 4.58
N SER B 327 -13.47 17.15 5.81
CA SER B 327 -14.18 15.91 6.15
C SER B 327 -14.96 16.09 7.45
N LEU B 328 -16.08 15.39 7.56
CA LEU B 328 -16.92 15.48 8.74
C LEU B 328 -18.06 14.46 8.75
N GLN B 329 -18.56 14.18 9.95
CA GLN B 329 -19.81 13.46 10.11
C GLN B 329 -20.90 14.45 10.54
N ILE B 330 -22.08 14.29 9.97
CA ILE B 330 -23.27 14.95 10.52
C ILE B 330 -24.23 13.88 11.06
N ILE B 331 -24.69 14.09 12.29
CA ILE B 331 -25.77 13.28 12.86
C ILE B 331 -27.05 14.11 12.88
N ILE B 332 -28.10 13.58 12.27
CA ILE B 332 -29.40 14.25 12.28
C ILE B 332 -30.37 13.42 13.14
N PRO B 333 -30.56 13.84 14.40
CA PRO B 333 -31.38 13.01 15.27
C PRO B 333 -32.82 12.98 14.76
N GLN B 334 -33.41 11.79 14.80
CA GLN B 334 -34.75 11.54 14.27
C GLN B 334 -35.83 12.57 14.63
N SER B 335 -35.84 13.05 15.88
CA SER B 335 -36.94 13.87 16.34
C SER B 335 -36.91 15.29 15.76
N GLN B 336 -35.76 15.67 15.20
CA GLN B 336 -35.62 16.96 14.56
C GLN B 336 -36.45 17.00 13.28
N LEU B 337 -36.72 15.82 12.74
CA LEU B 337 -37.45 15.67 11.49
C LEU B 337 -38.73 14.87 11.65
N GLY B 338 -39.11 14.60 12.90
CA GLY B 338 -40.31 13.82 13.21
C GLY B 338 -40.22 12.40 12.69
N ARG B 339 -39.02 11.83 12.74
CA ARG B 339 -38.74 10.51 12.16
C ARG B 339 -38.59 9.41 13.21
N LYS B 340 -38.52 8.18 12.74
CA LYS B 340 -38.27 7.03 13.60
C LYS B 340 -36.82 6.54 13.55
N SER B 341 -35.99 7.22 12.74
CA SER B 341 -34.57 6.86 12.54
C SER B 341 -33.74 8.09 12.23
N ASP B 342 -32.53 8.14 12.79
CA ASP B 342 -31.59 9.22 12.51
C ASP B 342 -31.16 9.21 11.05
N ILE B 343 -30.78 10.39 10.56
CA ILE B 343 -30.11 10.50 9.27
C ILE B 343 -28.62 10.74 9.48
N TYR B 344 -27.80 10.03 8.70
CA TYR B 344 -26.35 10.12 8.78
C TYR B 344 -25.77 10.74 7.52
N VAL B 345 -24.71 11.54 7.69
CA VAL B 345 -23.98 12.10 6.56
C VAL B 345 -22.50 11.97 6.82
N ALA B 346 -21.80 11.33 5.89
CA ALA B 346 -20.35 11.25 5.89
C ALA B 346 -19.82 12.11 4.75
N ILE B 347 -18.95 13.07 5.08
CA ILE B 347 -18.37 13.94 4.09
C ILE B 347 -16.87 13.72 4.04
N VAL B 348 -16.36 13.38 2.87
CA VAL B 348 -14.93 13.21 2.64
C VAL B 348 -14.52 13.91 1.33
N SER B 349 -13.22 14.14 1.13
CA SER B 349 -12.72 14.82 -0.07
C SER B 349 -11.26 14.45 -0.39
N ASP B 350 -10.57 15.27 -1.19
CA ASP B 350 -9.21 14.95 -1.63
C ASP B 350 -8.20 14.89 -0.49
N ALA B 351 -8.54 15.48 0.66
CA ALA B 351 -7.74 15.33 1.87
C ALA B 351 -7.54 13.86 2.26
N HIS B 352 -8.52 13.02 1.92
CA HIS B 352 -8.40 11.58 2.15
C HIS B 352 -8.21 10.83 0.83
N ASN B 353 -7.95 11.59 -0.24
CA ASN B 353 -7.67 11.05 -1.57
C ASN B 353 -8.75 10.12 -2.13
N VAL B 354 -10.00 10.56 -2.07
CA VAL B 354 -11.12 9.73 -2.54
C VAL B 354 -11.84 10.39 -3.71
N CYS B 355 -11.52 11.66 -3.94
CA CYS B 355 -11.98 12.39 -5.11
C CYS B 355 -10.93 13.42 -5.54
N SER B 356 -11.17 14.08 -6.68
CA SER B 356 -10.21 15.04 -7.22
C SER B 356 -10.29 16.40 -6.51
N LYS B 357 -9.18 17.14 -6.55
CA LYS B 357 -9.08 18.47 -5.91
C LYS B 357 -10.28 19.36 -6.26
N GLY B 358 -10.79 20.07 -5.27
CA GLY B 358 -11.95 20.95 -5.46
C GLY B 358 -13.31 20.28 -5.23
N HIS B 359 -13.35 18.94 -5.24
CA HIS B 359 -14.62 18.22 -5.05
C HIS B 359 -14.77 17.60 -3.66
N TYR B 360 -16.02 17.31 -3.29
CA TYR B 360 -16.35 16.70 -2.01
C TYR B 360 -17.38 15.60 -2.22
N LEU B 361 -17.23 14.51 -1.49
CA LEU B 361 -18.26 13.48 -1.43
C LEU B 361 -19.07 13.65 -0.15
N ALA B 362 -20.38 13.67 -0.30
CA ALA B 362 -21.29 13.77 0.84
C ALA B 362 -22.28 12.63 0.73
N ILE B 363 -22.13 11.65 1.61
CA ILE B 363 -22.94 10.43 1.57
C ILE B 363 -24.02 10.44 2.66
N ILE B 364 -25.28 10.41 2.23
CA ILE B 364 -26.42 10.49 3.14
C ILE B 364 -27.12 9.15 3.22
N SER B 365 -27.38 8.70 4.44
CA SER B 365 -28.00 7.40 4.65
C SER B 365 -28.97 7.41 5.83
N THR B 366 -30.07 6.67 5.68
CA THR B 366 -31.06 6.51 6.72
C THR B 366 -31.87 5.26 6.45
N ILE B 367 -32.56 4.77 7.48
CA ILE B 367 -33.51 3.65 7.34
C ILE B 367 -34.79 4.21 6.76
N ILE B 368 -35.30 3.55 5.72
CA ILE B 368 -36.50 4.01 5.00
C ILE B 368 -37.78 3.87 5.84
N GLU B 369 -38.59 4.92 5.79
CA GLU B 369 -39.74 5.10 6.64
C GLU B 369 -41.02 5.35 5.83
N THR B 370 -40.87 5.71 4.56
CA THR B 370 -42.00 6.09 3.68
C THR B 370 -41.90 5.46 2.30
N ASP B 371 -42.94 5.63 1.48
CA ASP B 371 -42.93 5.15 0.10
C ASP B 371 -42.28 6.15 -0.87
N LYS B 372 -41.73 7.24 -0.32
CA LYS B 372 -40.89 8.18 -1.07
C LYS B 372 -39.53 8.38 -0.36
N PRO B 373 -38.65 7.35 -0.40
CA PRO B 373 -37.37 7.38 0.32
C PRO B 373 -36.49 8.59 -0.03
N HIS B 374 -36.42 8.92 -1.31
CA HIS B 374 -35.62 10.05 -1.79
C HIS B 374 -36.05 11.36 -1.13
N ILE B 375 -37.34 11.47 -0.84
CA ILE B 375 -37.89 12.68 -0.22
C ILE B 375 -37.56 12.77 1.27
N GLU B 376 -37.38 11.61 1.92
CA GLU B 376 -36.97 11.57 3.32
C GLU B 376 -35.62 12.29 3.52
N LEU B 377 -34.81 12.33 2.46
CA LEU B 377 -33.45 12.88 2.48
C LEU B 377 -33.37 14.38 2.19
N GLU B 378 -34.49 14.97 1.76
CA GLU B 378 -34.53 16.41 1.43
C GLU B 378 -33.85 17.32 2.45
N PRO B 379 -34.21 17.19 3.76
CA PRO B 379 -33.60 18.08 4.75
C PRO B 379 -32.07 17.95 4.77
N ALA B 380 -31.57 16.75 4.48
CA ALA B 380 -30.13 16.51 4.42
C ALA B 380 -29.48 17.12 3.15
N PHE B 381 -30.16 16.98 2.00
CA PHE B 381 -29.73 17.65 0.76
C PHE B 381 -29.58 19.15 0.97
N LYS B 382 -30.59 19.78 1.58
CA LYS B 382 -30.60 21.22 1.81
C LYS B 382 -29.37 21.72 2.58
N LEU B 383 -28.77 20.83 3.37
CA LEU B 383 -27.57 21.17 4.17
C LEU B 383 -26.30 21.32 3.35
N LEU B 384 -26.29 20.74 2.15
CA LEU B 384 -25.08 20.58 1.36
C LEU B 384 -24.76 21.75 0.42
N GLY B 385 -25.70 22.68 0.27
CA GLY B 385 -25.64 23.66 -0.81
C GLY B 385 -25.85 22.96 -2.17
N PRO B 386 -25.45 23.62 -3.27
CA PRO B 386 -25.57 23.05 -4.62
C PRO B 386 -24.84 21.73 -4.79
N ILE B 387 -25.53 20.75 -5.38
CA ILE B 387 -24.97 19.43 -5.62
C ILE B 387 -24.76 19.25 -7.12
N GLU B 388 -23.57 18.79 -7.49
CA GLU B 388 -23.24 18.48 -8.89
C GLU B 388 -23.97 17.23 -9.39
N GLU B 389 -23.83 16.13 -8.65
CA GLU B 389 -24.47 14.87 -9.02
C GLU B 389 -24.82 14.03 -7.78
N LYS B 390 -25.95 13.34 -7.84
CA LYS B 390 -26.35 12.37 -6.82
C LYS B 390 -26.35 10.97 -7.39
N PHE B 391 -25.86 10.02 -6.59
CA PHE B 391 -25.86 8.62 -6.96
C PHE B 391 -26.60 7.85 -5.87
N MET B 392 -27.83 7.47 -6.18
CA MET B 392 -28.77 6.99 -5.16
C MET B 392 -29.14 5.53 -5.34
N GLY B 393 -29.24 4.84 -4.20
CA GLY B 393 -29.60 3.43 -4.17
C GLY B 393 -30.38 3.04 -2.93
N ILE B 394 -31.03 1.88 -3.00
CA ILE B 394 -31.77 1.30 -1.89
C ILE B 394 -31.33 -0.15 -1.72
N ALA B 395 -31.00 -0.51 -0.48
CA ALA B 395 -30.57 -1.87 -0.16
C ALA B 395 -31.39 -2.39 1.01
N GLU B 396 -31.77 -3.66 0.93
CA GLU B 396 -32.50 -4.34 1.98
C GLU B 396 -31.48 -4.94 2.95
N LEU B 397 -31.76 -4.83 4.24
CA LEU B 397 -30.84 -5.37 5.25
C LEU B 397 -31.24 -6.77 5.67
N PHE B 398 -30.28 -7.69 5.60
CA PHE B 398 -30.51 -9.10 5.94
C PHE B 398 -29.70 -9.52 7.17
N GLU B 399 -30.19 -10.56 7.84
CA GLU B 399 -29.46 -11.21 8.94
C GLU B 399 -29.57 -12.73 8.79
N PRO B 400 -28.70 -13.50 9.48
CA PRO B 400 -28.83 -14.95 9.37
C PRO B 400 -30.07 -15.48 10.07
N ARG B 401 -30.60 -16.58 9.55
CA ARG B 401 -31.74 -17.25 10.16
C ARG B 401 -31.32 -18.03 11.41
N GLU B 402 -30.09 -18.53 11.41
CA GLU B 402 -29.53 -19.29 12.54
C GLU B 402 -28.12 -18.80 12.86
N ASP B 403 -27.60 -19.16 14.03
CA ASP B 403 -26.29 -18.66 14.48
C ASP B 403 -25.08 -19.42 13.94
N GLY B 404 -25.32 -20.47 13.16
CA GLY B 404 -24.24 -21.25 12.56
C GLY B 404 -23.89 -22.55 13.26
N SER B 405 -24.23 -22.66 14.53
CA SER B 405 -23.88 -23.82 15.37
C SER B 405 -24.37 -25.20 14.88
N LYS B 406 -25.46 -25.22 14.10
CA LYS B 406 -26.06 -26.47 13.61
C LYS B 406 -25.42 -26.98 12.32
N ASP B 407 -24.94 -26.06 11.49
CA ASP B 407 -24.50 -26.37 10.13
C ASP B 407 -23.10 -25.87 9.82
N ASN B 408 -22.50 -25.15 10.77
CA ASN B 408 -21.17 -24.55 10.61
C ASN B 408 -21.10 -23.52 9.48
N ILE B 409 -22.23 -22.88 9.21
CA ILE B 409 -22.33 -21.81 8.23
C ILE B 409 -22.56 -20.49 8.97
N TYR B 410 -21.50 -19.71 9.08
CA TYR B 410 -21.53 -18.49 9.87
C TYR B 410 -21.69 -17.28 8.99
N LEU B 411 -22.85 -16.67 9.07
CA LEU B 411 -23.20 -15.55 8.19
C LEU B 411 -23.12 -14.22 8.90
N SER B 412 -22.83 -13.18 8.12
CA SER B 412 -22.76 -11.83 8.62
C SER B 412 -24.05 -11.11 8.28
N ARG B 413 -24.23 -9.93 8.86
CA ARG B 413 -25.37 -9.05 8.58
C ARG B 413 -25.00 -8.07 7.49
N SER B 414 -26.02 -7.56 6.80
CA SER B 414 -25.87 -6.48 5.84
C SER B 414 -25.43 -5.22 6.57
N TYR B 415 -24.71 -4.35 5.87
CA TYR B 415 -24.24 -3.08 6.44
C TYR B 415 -25.39 -2.09 6.54
N ASP B 416 -25.57 -1.55 7.75
CA ASP B 416 -26.71 -0.67 8.02
C ASP B 416 -26.43 0.76 7.63
N ALA B 417 -27.35 1.66 7.98
CA ALA B 417 -27.32 3.07 7.57
C ALA B 417 -26.29 3.93 8.32
N SER B 418 -25.78 3.42 9.44
CA SER B 418 -24.85 4.16 10.27
C SER B 418 -23.62 4.59 9.46
N SER B 419 -23.19 5.83 9.68
CA SER B 419 -21.96 6.36 9.08
C SER B 419 -20.70 6.07 9.92
N HIS B 420 -20.83 5.22 10.94
CA HIS B 420 -19.68 4.84 11.75
C HIS B 420 -19.69 3.34 12.02
N PHE B 421 -18.56 2.81 12.45
CA PHE B 421 -18.33 1.37 12.43
C PHE B 421 -18.83 0.56 13.66
N GLU B 422 -19.66 1.14 14.52
CA GLU B 422 -20.08 0.45 15.76
C GLU B 422 -20.77 -0.92 15.57
N SER B 423 -21.86 -0.95 14.80
CA SER B 423 -22.65 -2.17 14.58
C SER B 423 -21.92 -3.23 13.75
N MET B 424 -21.08 -2.78 12.82
CA MET B 424 -20.20 -3.70 12.07
C MET B 424 -19.24 -4.43 13.02
N THR B 425 -18.70 -3.69 13.99
CA THR B 425 -17.78 -4.24 14.98
C THR B 425 -18.46 -5.26 15.89
N ASP B 426 -19.67 -4.94 16.34
CA ASP B 426 -20.50 -5.86 17.11
C ASP B 426 -20.74 -7.17 16.37
N ASP B 427 -20.97 -7.08 15.06
CA ASP B 427 -21.16 -8.27 14.22
C ASP B 427 -19.90 -9.12 14.17
N VAL B 428 -18.75 -8.48 13.88
CA VAL B 428 -17.46 -9.15 13.88
C VAL B 428 -17.24 -9.93 15.20
N LYS B 429 -17.45 -9.25 16.32
CA LYS B 429 -17.29 -9.86 17.64
C LYS B 429 -18.25 -11.03 17.84
N ASP B 430 -19.48 -10.90 17.34
CA ASP B 430 -20.50 -11.93 17.47
C ASP B 430 -20.18 -13.17 16.65
N ILE B 431 -19.87 -12.97 15.36
CA ILE B 431 -19.48 -14.07 14.47
C ILE B 431 -18.25 -14.79 15.00
N TYR B 432 -17.28 -14.03 15.51
CA TYR B 432 -16.05 -14.62 16.03
C TYR B 432 -16.36 -15.54 17.21
N PHE B 433 -17.28 -15.11 18.07
CA PHE B 433 -17.72 -15.91 19.20
C PHE B 433 -18.42 -17.18 18.72
N ARG B 434 -19.30 -17.04 17.74
CA ARG B 434 -20.03 -18.16 17.15
C ARG B 434 -19.09 -19.20 16.50
N VAL B 435 -18.08 -18.71 15.78
CA VAL B 435 -17.11 -19.56 15.08
C VAL B 435 -16.17 -20.31 16.03
N THR B 436 -15.64 -19.61 17.03
CA THR B 436 -14.60 -20.16 17.90
C THR B 436 -15.10 -20.71 19.24
N GLY B 437 -16.28 -20.25 19.65
CA GLY B 437 -16.86 -20.66 20.92
C GLY B 437 -16.40 -19.84 22.11
N HIS B 438 -15.53 -18.87 21.85
CA HIS B 438 -15.08 -17.91 22.88
C HIS B 438 -15.03 -16.47 22.34
N PRO B 439 -15.16 -15.47 23.24
CA PRO B 439 -15.08 -14.06 22.85
C PRO B 439 -13.71 -13.67 22.30
N LEU B 440 -13.70 -12.62 21.49
CA LEU B 440 -12.46 -12.10 20.91
C LEU B 440 -11.57 -11.46 21.97
N VAL B 441 -10.35 -11.98 22.08
CA VAL B 441 -9.33 -11.48 23.00
C VAL B 441 -8.14 -10.99 22.19
N LEU B 442 -7.67 -9.78 22.52
CA LEU B 442 -6.63 -9.12 21.74
C LEU B 442 -5.22 -9.20 22.34
N LYS B 443 -4.27 -9.64 21.50
CA LYS B 443 -2.83 -9.59 21.78
C LYS B 443 -2.40 -10.28 23.07
#